data_1Z3F
# 
_entry.id   1Z3F 
# 
_audit_conform.dict_name       mmcif_pdbx.dic 
_audit_conform.dict_version    5.387 
_audit_conform.dict_location   http://mmcif.pdb.org/dictionaries/ascii/mmcif_pdbx.dic 
# 
loop_
_database_2.database_id 
_database_2.database_code 
_database_2.pdbx_database_accession 
_database_2.pdbx_DOI 
PDB   1Z3F         pdb_00001z3f 10.2210/pdb1z3f/pdb 
NDB   DD0070       ?            ?                   
RCSB  RCSB032248   ?            ?                   
WWPDB D_1000032248 ?            ?                   
# 
loop_
_pdbx_audit_revision_history.ordinal 
_pdbx_audit_revision_history.data_content_type 
_pdbx_audit_revision_history.major_revision 
_pdbx_audit_revision_history.minor_revision 
_pdbx_audit_revision_history.revision_date 
1 'Structure model' 1 0 2005-07-19 
2 'Structure model' 1 1 2008-04-30 
3 'Structure model' 1 2 2011-07-13 
4 'Structure model' 1 3 2017-10-11 
5 'Structure model' 1 4 2024-02-14 
# 
_pdbx_audit_revision_details.ordinal             1 
_pdbx_audit_revision_details.revision_ordinal    1 
_pdbx_audit_revision_details.data_content_type   'Structure model' 
_pdbx_audit_revision_details.provider            repository 
_pdbx_audit_revision_details.type                'Initial release' 
_pdbx_audit_revision_details.description         ? 
_pdbx_audit_revision_details.details             ? 
# 
loop_
_pdbx_audit_revision_group.ordinal 
_pdbx_audit_revision_group.revision_ordinal 
_pdbx_audit_revision_group.data_content_type 
_pdbx_audit_revision_group.group 
1 2 'Structure model' 'Version format compliance' 
2 3 'Structure model' 'Version format compliance' 
3 4 'Structure model' 'Refinement description'    
4 5 'Structure model' 'Data collection'           
5 5 'Structure model' 'Database references'       
6 5 'Structure model' 'Derived calculations'      
# 
loop_
_pdbx_audit_revision_category.ordinal 
_pdbx_audit_revision_category.revision_ordinal 
_pdbx_audit_revision_category.data_content_type 
_pdbx_audit_revision_category.category 
1 4 'Structure model' software       
2 5 'Structure model' chem_comp_atom 
3 5 'Structure model' chem_comp_bond 
4 5 'Structure model' database_2     
5 5 'Structure model' struct_conn    
6 5 'Structure model' struct_site    
# 
loop_
_pdbx_audit_revision_item.ordinal 
_pdbx_audit_revision_item.revision_ordinal 
_pdbx_audit_revision_item.data_content_type 
_pdbx_audit_revision_item.item 
1  4 'Structure model' '_software.classification'            
2  4 'Structure model' '_software.name'                      
3  5 'Structure model' '_database_2.pdbx_DOI'                
4  5 'Structure model' '_database_2.pdbx_database_accession' 
5  5 'Structure model' '_struct_conn.ptnr1_auth_comp_id'     
6  5 'Structure model' '_struct_conn.ptnr1_auth_seq_id'      
7  5 'Structure model' '_struct_conn.ptnr1_label_asym_id'    
8  5 'Structure model' '_struct_conn.ptnr1_label_atom_id'    
9  5 'Structure model' '_struct_conn.ptnr1_label_comp_id'    
10 5 'Structure model' '_struct_conn.ptnr1_label_seq_id'     
11 5 'Structure model' '_struct_conn.ptnr2_auth_comp_id'     
12 5 'Structure model' '_struct_conn.ptnr2_auth_seq_id'      
13 5 'Structure model' '_struct_conn.ptnr2_label_asym_id'    
14 5 'Structure model' '_struct_conn.ptnr2_label_atom_id'    
15 5 'Structure model' '_struct_conn.ptnr2_label_comp_id'    
16 5 'Structure model' '_struct_conn.ptnr2_label_seq_id'     
17 5 'Structure model' '_struct_site.pdbx_auth_asym_id'      
18 5 'Structure model' '_struct_site.pdbx_auth_comp_id'      
19 5 'Structure model' '_struct_site.pdbx_auth_seq_id'       
# 
_pdbx_database_status.status_code                     REL 
_pdbx_database_status.entry_id                        1Z3F 
_pdbx_database_status.recvd_initial_deposition_date   2005-03-12 
_pdbx_database_status.deposit_site                    RCSB 
_pdbx_database_status.process_site                    RCSB 
_pdbx_database_status.status_code_sf                  REL 
_pdbx_database_status.status_code_mr                  ? 
_pdbx_database_status.SG_entry                        ? 
_pdbx_database_status.pdb_format_compatible           Y 
_pdbx_database_status.status_code_cs                  ? 
_pdbx_database_status.methods_development_category    ? 
_pdbx_database_status.status_code_nmr_data            ? 
# 
loop_
_audit_author.name 
_audit_author.pdbx_ordinal 
'Canals, A.'    1 
'Purciolas, M.' 2 
'Aymami, J.'    3 
'Coll, M.'      4 
# 
_citation.id                        primary 
_citation.title                     
'The anticancer agent ellipticine unwinds DNA by intercalative binding in an orientation parallel to base pairs.' 
_citation.journal_abbrev            'Acta Crystallogr.,Sect.D' 
_citation.journal_volume            61 
_citation.page_first                1009 
_citation.page_last                 1012 
_citation.year                      2005 
_citation.journal_id_ASTM           ABCRE6 
_citation.country                   DK 
_citation.journal_id_ISSN           0907-4449 
_citation.journal_id_CSD            0766 
_citation.book_publisher            ? 
_citation.pdbx_database_id_PubMed   15983425 
_citation.pdbx_database_id_DOI      10.1107/S0907444905015404 
# 
loop_
_citation_author.citation_id 
_citation_author.name 
_citation_author.ordinal 
_citation_author.identifier_ORCID 
primary 'Canals, A.'    1 ? 
primary 'Purciolas, M.' 2 ? 
primary 'Aymami, J.'    3 ? 
primary 'Coll, M.'      4 ? 
# 
loop_
_entity.id 
_entity.type 
_entity.src_method 
_entity.pdbx_description 
_entity.formula_weight 
_entity.pdbx_number_of_molecules 
_entity.pdbx_ec 
_entity.pdbx_mutation 
_entity.pdbx_fragment 
_entity.details 
1 polymer     syn "5'-D(*CP*GP*AP*TP*CP*G)-3'" 1809.217 2  ? ? ? ? 
2 non-polymer syn ELLIPTICINE                  247.314  2  ? ? ? ? 
3 non-polymer syn 'COBALT (II) ION'            58.933   3  ? ? ? ? 
4 water       nat water                        18.015   27 ? ? ? ? 
# 
_entity_poly.entity_id                      1 
_entity_poly.type                           polydeoxyribonucleotide 
_entity_poly.nstd_linkage                   no 
_entity_poly.nstd_monomer                   no 
_entity_poly.pdbx_seq_one_letter_code       '(DC)(DG)(DA)(DT)(DC)(DG)' 
_entity_poly.pdbx_seq_one_letter_code_can   CGATCG 
_entity_poly.pdbx_strand_id                 A,B 
_entity_poly.pdbx_target_identifier         ? 
# 
loop_
_pdbx_entity_nonpoly.entity_id 
_pdbx_entity_nonpoly.name 
_pdbx_entity_nonpoly.comp_id 
2 ELLIPTICINE       EL  
3 'COBALT (II) ION' CO  
4 water             HOH 
# 
loop_
_entity_poly_seq.entity_id 
_entity_poly_seq.num 
_entity_poly_seq.mon_id 
_entity_poly_seq.hetero 
1 1 DC n 
1 2 DG n 
1 3 DA n 
1 4 DT n 
1 5 DC n 
1 6 DG n 
# 
loop_
_chem_comp.id 
_chem_comp.type 
_chem_comp.mon_nstd_flag 
_chem_comp.name 
_chem_comp.pdbx_synonyms 
_chem_comp.formula 
_chem_comp.formula_weight 
CO  non-polymer   . 'COBALT (II) ION'                    ? 'Co 2'            58.933  
DA  'DNA linking' y "2'-DEOXYADENOSINE-5'-MONOPHOSPHATE" ? 'C10 H14 N5 O6 P' 331.222 
DC  'DNA linking' y "2'-DEOXYCYTIDINE-5'-MONOPHOSPHATE"  ? 'C9 H14 N3 O7 P'  307.197 
DG  'DNA linking' y "2'-DEOXYGUANOSINE-5'-MONOPHOSPHATE" ? 'C10 H14 N5 O7 P' 347.221 
DT  'DNA linking' y "THYMIDINE-5'-MONOPHOSPHATE"         ? 'C10 H15 N2 O8 P' 322.208 
EL  non-polymer   . ELLIPTICINE                          ? 'C17 H15 N2 1'    247.314 
HOH non-polymer   . WATER                                ? 'H2 O'            18.015  
# 
loop_
_pdbx_poly_seq_scheme.asym_id 
_pdbx_poly_seq_scheme.entity_id 
_pdbx_poly_seq_scheme.seq_id 
_pdbx_poly_seq_scheme.mon_id 
_pdbx_poly_seq_scheme.ndb_seq_num 
_pdbx_poly_seq_scheme.pdb_seq_num 
_pdbx_poly_seq_scheme.auth_seq_num 
_pdbx_poly_seq_scheme.pdb_mon_id 
_pdbx_poly_seq_scheme.auth_mon_id 
_pdbx_poly_seq_scheme.pdb_strand_id 
_pdbx_poly_seq_scheme.pdb_ins_code 
_pdbx_poly_seq_scheme.hetero 
A 1 1 DC 1 1 1 DC C A . n 
A 1 2 DG 2 2 2 DG G A . n 
A 1 3 DA 3 3 3 DA A A . n 
A 1 4 DT 4 4 4 DT T A . n 
A 1 5 DC 5 5 5 DC C A . n 
A 1 6 DG 6 6 6 DG G A . n 
B 1 1 DC 1 1 1 DC C B . n 
B 1 2 DG 2 2 2 DG G B . n 
B 1 3 DA 3 3 3 DA A B . n 
B 1 4 DT 4 4 4 DT T B . n 
B 1 5 DC 5 5 5 DC C B . n 
B 1 6 DG 6 6 6 DG G B . n 
# 
loop_
_pdbx_nonpoly_scheme.asym_id 
_pdbx_nonpoly_scheme.entity_id 
_pdbx_nonpoly_scheme.mon_id 
_pdbx_nonpoly_scheme.ndb_seq_num 
_pdbx_nonpoly_scheme.pdb_seq_num 
_pdbx_nonpoly_scheme.auth_seq_num 
_pdbx_nonpoly_scheme.pdb_mon_id 
_pdbx_nonpoly_scheme.auth_mon_id 
_pdbx_nonpoly_scheme.pdb_strand_id 
_pdbx_nonpoly_scheme.pdb_ins_code 
C 2 EL  1  41 1  EL  ELL A . 
D 3 CO  1  32 2  CO  CO  A . 
E 2 EL  1  42 2  EL  ELL B . 
F 3 CO  1  31 1  CO  CO  B . 
G 3 CO  1  33 3  CO  CO  B . 
H 4 HOH 1  42 5  HOH HOH A . 
H 4 HOH 2  43 6  HOH HOH A . 
H 4 HOH 3  44 7  HOH HOH A . 
H 4 HOH 4  45 8  HOH HOH A . 
H 4 HOH 5  46 9  HOH HOH A . 
H 4 HOH 6  47 10 HOH HOH A . 
H 4 HOH 7  48 11 HOH HOH A . 
H 4 HOH 8  49 13 HOH HOH A . 
H 4 HOH 9  50 19 HOH HOH A . 
H 4 HOH 10 51 20 HOH HOH A . 
H 4 HOH 11 52 21 HOH HOH A . 
H 4 HOH 12 53 22 HOH HOH A . 
H 4 HOH 13 54 25 HOH HOH A . 
I 4 HOH 1  43 1  HOH HOH B . 
I 4 HOH 2  44 2  HOH HOH B . 
I 4 HOH 3  45 3  HOH HOH B . 
I 4 HOH 4  46 4  HOH HOH B . 
I 4 HOH 5  47 12 HOH HOH B . 
I 4 HOH 6  48 14 HOH HOH B . 
I 4 HOH 7  49 15 HOH HOH B . 
I 4 HOH 8  50 16 HOH HOH B . 
I 4 HOH 9  51 17 HOH HOH B . 
I 4 HOH 10 52 18 HOH HOH B . 
I 4 HOH 11 53 23 HOH HOH B . 
I 4 HOH 12 54 24 HOH HOH B . 
I 4 HOH 13 55 26 HOH HOH B . 
I 4 HOH 14 56 27 HOH HOH B . 
# 
loop_
_software.name 
_software.classification 
_software.version 
_software.citation_id 
_software.pdbx_ordinal 
REFMAC refinement        5.2.0005 ? 1 
ProDC  'data collection' .        ? 2 
XDS    'data scaling'    .        ? 3 
AMoRE  phasing           .        ? 4 
# 
_cell.entry_id           1Z3F 
_cell.length_a           24.860 
_cell.length_b           24.860 
_cell.length_c           78.860 
_cell.angle_alpha        90.00 
_cell.angle_beta         90.00 
_cell.angle_gamma        120.00 
_cell.Z_PDB              12 
_cell.pdbx_unique_axis   ? 
# 
_symmetry.entry_id                         1Z3F 
_symmetry.space_group_name_H-M             'P 65' 
_symmetry.pdbx_full_space_group_name_H-M   ? 
_symmetry.cell_setting                     ? 
_symmetry.Int_Tables_number                170 
_symmetry.space_group_name_Hall            ? 
# 
_exptl.entry_id          1Z3F 
_exptl.method            'X-RAY DIFFRACTION' 
_exptl.crystals_number   1 
# 
_exptl_crystal.id                    1 
_exptl_crystal.density_meas          ? 
_exptl_crystal.density_Matthews      1.62 
_exptl_crystal.density_percent_sol   23.27 
_exptl_crystal.description           ? 
_exptl_crystal.F_000                 ? 
_exptl_crystal.preparation           ? 
# 
_exptl_crystal_grow.crystal_id      1 
_exptl_crystal_grow.method          'VAPOR DIFFUSION, HANGING DROP' 
_exptl_crystal_grow.temp            293 
_exptl_crystal_grow.temp_details    ? 
_exptl_crystal_grow.pH              5.5 
_exptl_crystal_grow.pdbx_details    
;MPD, sodium cacodylate, cobalt hexammine, sodium chloride, potassium chloride, pH 5.5, VAPOR DIFFUSION, HANGING DROP, temperature 293K
;
_exptl_crystal_grow.pdbx_pH_range   . 
# 
loop_
_exptl_crystal_grow_comp.crystal_id 
_exptl_crystal_grow_comp.id 
_exptl_crystal_grow_comp.sol_id 
_exptl_crystal_grow_comp.name 
_exptl_crystal_grow_comp.volume 
_exptl_crystal_grow_comp.conc 
_exptl_crystal_grow_comp.details 
1 1  1 MPD                  ? ? ? 
1 2  1 'sodium cacodylate'  ? ? ? 
1 3  1 'cobalt hexamine'    ? ? ? 
1 4  1 'sodium chloride'    ? ? ? 
1 5  1 'potassium chloride' ? ? ? 
1 6  1 H2O                  ? ? ? 
1 7  2 MPD                  ? ? ? 
1 8  2 'sodium cacodylate'  ? ? ? 
1 9  2 'cobalt hexamine'    ? ? ? 
1 10 2 'potassium chloride' ? ? ? 
1 11 2 H2O                  ? ? ? 
# 
_diffrn.id                     1 
_diffrn.ambient_temp           120 
_diffrn.ambient_temp_details   ? 
_diffrn.crystal_id             1 
# 
_diffrn_detector.diffrn_id              1 
_diffrn_detector.detector               CCD 
_diffrn_detector.type                   MARRESEARCH 
_diffrn_detector.pdbx_collection_date   2004-06-14 
_diffrn_detector.details                'microfocus beamline' 
# 
_diffrn_radiation.diffrn_id                        1 
_diffrn_radiation.wavelength_id                    1 
_diffrn_radiation.pdbx_monochromatic_or_laue_m_l   M 
_diffrn_radiation.monochromator                    'liq. N2 cooled Si-111 double monochromator' 
_diffrn_radiation.pdbx_diffrn_protocol             'SINGLE WAVELENGTH' 
_diffrn_radiation.pdbx_scattering_type             x-ray 
# 
_diffrn_radiation_wavelength.id           1 
_diffrn_radiation_wavelength.wavelength   0.976 
_diffrn_radiation_wavelength.wt           1.0 
# 
_diffrn_source.diffrn_id                   1 
_diffrn_source.source                      SYNCHROTRON 
_diffrn_source.type                        'ESRF BEAMLINE ID13' 
_diffrn_source.pdbx_synchrotron_site       ESRF 
_diffrn_source.pdbx_synchrotron_beamline   ID13 
_diffrn_source.pdbx_wavelength             ? 
_diffrn_source.pdbx_wavelength_list        0.976 
# 
_reflns.entry_id                     1Z3F 
_reflns.observed_criterion_sigma_F   1.0 
_reflns.observed_criterion_sigma_I   1.0 
_reflns.d_resolution_high            1.5 
_reflns.d_resolution_low             16.66 
_reflns.number_all                   4436 
_reflns.number_obs                   4420 
_reflns.percent_possible_obs         99.6 
_reflns.pdbx_Rmerge_I_obs            ? 
_reflns.pdbx_Rsym_value              ? 
_reflns.pdbx_netI_over_sigmaI        ? 
_reflns.B_iso_Wilson_estimate        ? 
_reflns.pdbx_redundancy              ? 
_reflns.R_free_details               ? 
_reflns.pdbx_chi_squared             ? 
_reflns.pdbx_scaling_rejects         ? 
_reflns.pdbx_diffrn_id               1 
_reflns.pdbx_ordinal                 1 
# 
_reflns_shell.d_res_high             1.50 
_reflns_shell.d_res_low              1.54 
_reflns_shell.percent_possible_all   99.7 
_reflns_shell.Rmerge_I_obs           ? 
_reflns_shell.pdbx_Rsym_value        ? 
_reflns_shell.meanI_over_sigI_obs    ? 
_reflns_shell.pdbx_redundancy        ? 
_reflns_shell.percent_possible_obs   ? 
_reflns_shell.number_unique_all      ? 
_reflns_shell.number_measured_all    ? 
_reflns_shell.number_measured_obs    ? 
_reflns_shell.number_unique_obs      ? 
_reflns_shell.pdbx_chi_squared       ? 
_reflns_shell.pdbx_diffrn_id         ? 
_reflns_shell.pdbx_ordinal           1 
# 
_refine.entry_id                                 1Z3F 
_refine.ls_number_reflns_obs                     4197 
_refine.ls_number_reflns_all                     ? 
_refine.pdbx_ls_sigma_I                          ? 
_refine.pdbx_ls_sigma_F                          0.0 
_refine.pdbx_data_cutoff_high_absF               ? 
_refine.pdbx_data_cutoff_low_absF                ? 
_refine.pdbx_data_cutoff_high_rms_absF           ? 
_refine.ls_d_res_low                             16.66 
_refine.ls_d_res_high                            1.50 
_refine.ls_percent_reflns_obs                    100.00 
_refine.ls_R_factor_obs                          0.2217 
_refine.ls_R_factor_all                          0.22 
_refine.ls_R_factor_R_work                       0.22041 
_refine.ls_R_factor_R_free                       0.24166 
_refine.ls_R_factor_R_free_error                 ? 
_refine.ls_R_factor_R_free_error_details         ? 
_refine.ls_percent_reflns_R_free                 5.0 
_refine.ls_number_reflns_R_free                  221 
_refine.ls_number_parameters                     ? 
_refine.ls_number_restraints                     ? 
_refine.occupancy_min                            ? 
_refine.occupancy_max                            ? 
_refine.correlation_coeff_Fo_to_Fc               0.969 
_refine.correlation_coeff_Fo_to_Fc_free          0.971 
_refine.B_iso_mean                               30.952 
_refine.aniso_B[1][1]                            1.19 
_refine.aniso_B[2][2]                            1.19 
_refine.aniso_B[3][3]                            -1.79 
_refine.aniso_B[1][2]                            0.60 
_refine.aniso_B[1][3]                            0.00 
_refine.aniso_B[2][3]                            0.00 
_refine.solvent_model_details                    MASK 
_refine.solvent_model_param_ksol                 ? 
_refine.solvent_model_param_bsol                 ? 
_refine.pdbx_solvent_vdw_probe_radii             1.20 
_refine.pdbx_solvent_ion_probe_radii             0.80 
_refine.pdbx_solvent_shrinkage_radii             0.80 
_refine.pdbx_ls_cross_valid_method               THROUGHOUT 
_refine.details                                  'HYDROGENS HAVE BEEN ADDED IN THE RIDING POSITIONS' 
_refine.pdbx_starting_model                      ? 
_refine.pdbx_method_to_determine_struct          'MOLECULAR REPLACEMENT' 
_refine.pdbx_isotropic_thermal_model             ? 
_refine.pdbx_stereochemistry_target_values       'MAXIMUM LIKELIHOOD' 
_refine.pdbx_stereochem_target_val_spec_case     ? 
_refine.pdbx_R_Free_selection_details            RANDOM 
_refine.pdbx_overall_ESU_R                       0.156 
_refine.pdbx_overall_ESU_R_Free                  0.100 
_refine.overall_SU_ML                            0.104 
_refine.overall_SU_B                             6.257 
_refine.ls_redundancy_reflns_obs                 ? 
_refine.overall_SU_R_Cruickshank_DPI             ? 
_refine.overall_SU_R_free                        ? 
_refine.ls_wR_factor_R_free                      ? 
_refine.ls_wR_factor_R_work                      ? 
_refine.overall_FOM_free_R_set                   ? 
_refine.overall_FOM_work_R_set                   ? 
_refine.pdbx_refine_id                           'X-RAY DIFFRACTION' 
_refine.pdbx_diffrn_id                           1 
_refine.pdbx_TLS_residual_ADP_flag               ? 
_refine.pdbx_overall_phase_error                 ? 
_refine.pdbx_overall_SU_R_free_Cruickshank_DPI   ? 
_refine.pdbx_overall_SU_R_Blow_DPI               ? 
_refine.pdbx_overall_SU_R_free_Blow_DPI          ? 
# 
_refine_hist.pdbx_refine_id                   'X-RAY DIFFRACTION' 
_refine_hist.cycle_id                         LAST 
_refine_hist.pdbx_number_atoms_protein        0 
_refine_hist.pdbx_number_atoms_nucleic_acid   240 
_refine_hist.pdbx_number_atoms_ligand         41 
_refine_hist.number_atoms_solvent             27 
_refine_hist.number_atoms_total               308 
_refine_hist.d_res_high                       1.50 
_refine_hist.d_res_low                        16.66 
# 
loop_
_refine_ls_restr.type 
_refine_ls_restr.dev_ideal 
_refine_ls_restr.dev_ideal_target 
_refine_ls_restr.weight 
_refine_ls_restr.number 
_refine_ls_restr.pdbx_refine_id 
_refine_ls_restr.pdbx_restraint_function 
r_bond_refined_d         0.012 0.021 ? 312 'X-RAY DIFFRACTION' ? 
r_angle_refined_deg      2.505 3.000 ? 476 'X-RAY DIFFRACTION' ? 
r_chiral_restr           0.092 0.200 ? 46  'X-RAY DIFFRACTION' ? 
r_gen_planes_refined     0.014 0.020 ? 162 'X-RAY DIFFRACTION' ? 
r_nbd_refined            0.169 0.200 ? 107 'X-RAY DIFFRACTION' ? 
r_nbtor_refined          0.335 0.200 ? 165 'X-RAY DIFFRACTION' ? 
r_xyhbond_nbd_refined    0.215 0.200 ? 20  'X-RAY DIFFRACTION' ? 
r_symmetry_vdw_refined   0.136 0.200 ? 26  'X-RAY DIFFRACTION' ? 
r_symmetry_hbond_refined 0.026 0.200 ? 1   'X-RAY DIFFRACTION' ? 
r_scbond_it              4.089 3.000 ? 590 'X-RAY DIFFRACTION' ? 
r_scangle_it             3.053 4.500 ? 476 'X-RAY DIFFRACTION' ? 
r_rigid_bond_restr       8.465 3.000 ? 590 'X-RAY DIFFRACTION' ? 
r_sphericity_free        6.374 3.000 ? 30  'X-RAY DIFFRACTION' ? 
r_sphericity_bonded      4.197 3.000 ? 278 'X-RAY DIFFRACTION' ? 
# 
_refine_ls_shell.pdbx_total_number_of_bins_used   20 
_refine_ls_shell.d_res_high                       1.500 
_refine_ls_shell.d_res_low                        1.539 
_refine_ls_shell.number_reflns_R_work             317 
_refine_ls_shell.R_factor_R_work                  0.24 
_refine_ls_shell.percent_reflns_obs               100.00 
_refine_ls_shell.R_factor_R_free                  0.355 
_refine_ls_shell.R_factor_R_free_error            ? 
_refine_ls_shell.percent_reflns_R_free            ? 
_refine_ls_shell.number_reflns_R_free             16 
_refine_ls_shell.redundancy_reflns_obs            ? 
_refine_ls_shell.pdbx_refine_id                   'X-RAY DIFFRACTION' 
_refine_ls_shell.number_reflns_all                ? 
_refine_ls_shell.R_factor_all                     ? 
# 
_struct.entry_id                  1Z3F 
_struct.title                     'Structure of ellipticine in complex with a 6-bp DNA' 
_struct.pdbx_model_details        ? 
_struct.pdbx_CASP_flag            ? 
_struct.pdbx_model_type_details   ? 
# 
_struct_keywords.entry_id        1Z3F 
_struct_keywords.pdbx_keywords   DNA 
_struct_keywords.text            'ANTICANCER, DNA BINDING, DRUG DESIGN, ELLIPTICINE, INTERCALATOR, DNA' 
# 
loop_
_struct_asym.id 
_struct_asym.pdbx_blank_PDB_chainid_flag 
_struct_asym.pdbx_modified 
_struct_asym.entity_id 
_struct_asym.details 
A N N 1 ? 
B N N 1 ? 
C N N 2 ? 
D N N 3 ? 
E N N 2 ? 
F N N 3 ? 
G N N 3 ? 
H N N 4 ? 
I N N 4 ? 
# 
_struct_ref.id                         1 
_struct_ref.entity_id                  1 
_struct_ref.db_name                    PDB 
_struct_ref.db_code                    1Z3F 
_struct_ref.pdbx_db_accession          1Z3F 
_struct_ref.pdbx_db_isoform            ? 
_struct_ref.pdbx_seq_one_letter_code   ? 
_struct_ref.pdbx_align_begin           ? 
# 
loop_
_struct_ref_seq.align_id 
_struct_ref_seq.ref_id 
_struct_ref_seq.pdbx_PDB_id_code 
_struct_ref_seq.pdbx_strand_id 
_struct_ref_seq.seq_align_beg 
_struct_ref_seq.pdbx_seq_align_beg_ins_code 
_struct_ref_seq.seq_align_end 
_struct_ref_seq.pdbx_seq_align_end_ins_code 
_struct_ref_seq.pdbx_db_accession 
_struct_ref_seq.db_align_beg 
_struct_ref_seq.pdbx_db_align_beg_ins_code 
_struct_ref_seq.db_align_end 
_struct_ref_seq.pdbx_db_align_end_ins_code 
_struct_ref_seq.pdbx_auth_seq_align_beg 
_struct_ref_seq.pdbx_auth_seq_align_end 
1 1 1Z3F A 1 ? 6 ? 1Z3F 1 ? 6 ? 1 6 
2 1 1Z3F B 1 ? 6 ? 1Z3F 1 ? 6 ? 1 6 
# 
_pdbx_struct_assembly.id                   1 
_pdbx_struct_assembly.details              author_defined_assembly 
_pdbx_struct_assembly.method_details       ? 
_pdbx_struct_assembly.oligomeric_details   dimeric 
_pdbx_struct_assembly.oligomeric_count     2 
# 
_pdbx_struct_assembly_gen.assembly_id       1 
_pdbx_struct_assembly_gen.oper_expression   1 
_pdbx_struct_assembly_gen.asym_id_list      A,B,C,D,E,F,G,H,I 
# 
_pdbx_struct_oper_list.id                   1 
_pdbx_struct_oper_list.type                 'identity operation' 
_pdbx_struct_oper_list.name                 1_555 
_pdbx_struct_oper_list.symmetry_operation   x,y,z 
_pdbx_struct_oper_list.matrix[1][1]         1.0000000000 
_pdbx_struct_oper_list.matrix[1][2]         0.0000000000 
_pdbx_struct_oper_list.matrix[1][3]         0.0000000000 
_pdbx_struct_oper_list.vector[1]            0.0000000000 
_pdbx_struct_oper_list.matrix[2][1]         0.0000000000 
_pdbx_struct_oper_list.matrix[2][2]         1.0000000000 
_pdbx_struct_oper_list.matrix[2][3]         0.0000000000 
_pdbx_struct_oper_list.vector[2]            0.0000000000 
_pdbx_struct_oper_list.matrix[3][1]         0.0000000000 
_pdbx_struct_oper_list.matrix[3][2]         0.0000000000 
_pdbx_struct_oper_list.matrix[3][3]         1.0000000000 
_pdbx_struct_oper_list.vector[3]            0.0000000000 
# 
_struct_biol.id                    1 
_struct_biol.pdbx_parent_biol_id   ? 
_struct_biol.details               ? 
# 
loop_
_struct_conn.id 
_struct_conn.conn_type_id 
_struct_conn.pdbx_leaving_atom_flag 
_struct_conn.pdbx_PDB_id 
_struct_conn.ptnr1_label_asym_id 
_struct_conn.ptnr1_label_comp_id 
_struct_conn.ptnr1_label_seq_id 
_struct_conn.ptnr1_label_atom_id 
_struct_conn.pdbx_ptnr1_label_alt_id 
_struct_conn.pdbx_ptnr1_PDB_ins_code 
_struct_conn.pdbx_ptnr1_standard_comp_id 
_struct_conn.ptnr1_symmetry 
_struct_conn.ptnr2_label_asym_id 
_struct_conn.ptnr2_label_comp_id 
_struct_conn.ptnr2_label_seq_id 
_struct_conn.ptnr2_label_atom_id 
_struct_conn.pdbx_ptnr2_label_alt_id 
_struct_conn.pdbx_ptnr2_PDB_ins_code 
_struct_conn.ptnr1_auth_asym_id 
_struct_conn.ptnr1_auth_comp_id 
_struct_conn.ptnr1_auth_seq_id 
_struct_conn.ptnr2_auth_asym_id 
_struct_conn.ptnr2_auth_comp_id 
_struct_conn.ptnr2_auth_seq_id 
_struct_conn.ptnr2_symmetry 
_struct_conn.pdbx_ptnr3_label_atom_id 
_struct_conn.pdbx_ptnr3_label_seq_id 
_struct_conn.pdbx_ptnr3_label_comp_id 
_struct_conn.pdbx_ptnr3_label_asym_id 
_struct_conn.pdbx_ptnr3_label_alt_id 
_struct_conn.pdbx_ptnr3_PDB_ins_code 
_struct_conn.details 
_struct_conn.pdbx_dist_value 
_struct_conn.pdbx_value_order 
_struct_conn.pdbx_role 
metalc1  metalc ? ? B DG 2 N7 ? ? ? 1_555 F CO . CO ? ? B DG 2 B CO 31 1_555 ? ? ? ? ? ? ?            2.517 ? ? 
hydrog1  hydrog ? ? A DC 1 N3 ? ? ? 1_555 B DG 6 N1 ? ? A DC 1 B DG 6  1_555 ? ? ? ? ? ? WATSON-CRICK ?     ? ? 
hydrog2  hydrog ? ? A DC 1 N4 ? ? ? 1_555 B DG 6 O6 ? ? A DC 1 B DG 6  1_555 ? ? ? ? ? ? WATSON-CRICK ?     ? ? 
hydrog3  hydrog ? ? A DC 1 O2 ? ? ? 1_555 B DG 6 N2 ? ? A DC 1 B DG 6  1_555 ? ? ? ? ? ? WATSON-CRICK ?     ? ? 
hydrog4  hydrog ? ? A DG 2 N1 ? ? ? 1_555 B DC 5 N3 ? ? A DG 2 B DC 5  1_555 ? ? ? ? ? ? WATSON-CRICK ?     ? ? 
hydrog5  hydrog ? ? A DG 2 N2 ? ? ? 1_555 B DC 5 O2 ? ? A DG 2 B DC 5  1_555 ? ? ? ? ? ? WATSON-CRICK ?     ? ? 
hydrog6  hydrog ? ? A DG 2 O6 ? ? ? 1_555 B DC 5 N4 ? ? A DG 2 B DC 5  1_555 ? ? ? ? ? ? WATSON-CRICK ?     ? ? 
hydrog7  hydrog ? ? A DA 3 N1 ? ? ? 1_555 B DT 4 N3 ? ? A DA 3 B DT 4  1_555 ? ? ? ? ? ? WATSON-CRICK ?     ? ? 
hydrog8  hydrog ? ? A DA 3 N6 ? ? ? 1_555 B DT 4 O4 ? ? A DA 3 B DT 4  1_555 ? ? ? ? ? ? WATSON-CRICK ?     ? ? 
hydrog9  hydrog ? ? A DT 4 N3 ? ? ? 1_555 B DA 3 N1 ? ? A DT 4 B DA 3  1_555 ? ? ? ? ? ? WATSON-CRICK ?     ? ? 
hydrog10 hydrog ? ? A DT 4 O4 ? ? ? 1_555 B DA 3 N6 ? ? A DT 4 B DA 3  1_555 ? ? ? ? ? ? WATSON-CRICK ?     ? ? 
hydrog11 hydrog ? ? A DC 5 N3 ? ? ? 1_555 B DG 2 N1 ? ? A DC 5 B DG 2  1_555 ? ? ? ? ? ? WATSON-CRICK ?     ? ? 
hydrog12 hydrog ? ? A DC 5 N4 ? ? ? 1_555 B DG 2 O6 ? ? A DC 5 B DG 2  1_555 ? ? ? ? ? ? WATSON-CRICK ?     ? ? 
hydrog13 hydrog ? ? A DC 5 O2 ? ? ? 1_555 B DG 2 N2 ? ? A DC 5 B DG 2  1_555 ? ? ? ? ? ? WATSON-CRICK ?     ? ? 
hydrog14 hydrog ? ? A DG 6 N1 ? ? ? 1_555 B DC 1 N3 ? ? A DG 6 B DC 1  1_555 ? ? ? ? ? ? WATSON-CRICK ?     ? ? 
hydrog15 hydrog ? ? A DG 6 N2 ? ? ? 1_555 B DC 1 O2 ? ? A DG 6 B DC 1  1_555 ? ? ? ? ? ? WATSON-CRICK ?     ? ? 
hydrog16 hydrog ? ? A DG 6 O6 ? ? ? 1_555 B DC 1 N4 ? ? A DG 6 B DC 1  1_555 ? ? ? ? ? ? WATSON-CRICK ?     ? ? 
# 
loop_
_struct_conn_type.id 
_struct_conn_type.criteria 
_struct_conn_type.reference 
metalc ? ? 
hydrog ? ? 
# 
loop_
_struct_site.id 
_struct_site.pdbx_evidence_code 
_struct_site.pdbx_auth_asym_id 
_struct_site.pdbx_auth_comp_id 
_struct_site.pdbx_auth_seq_id 
_struct_site.pdbx_auth_ins_code 
_struct_site.pdbx_num_residues 
_struct_site.details 
AC1 Software A EL 41 ? 5 'BINDING SITE FOR RESIDUE EL A 41' 
AC2 Software B EL 42 ? 6 'BINDING SITE FOR RESIDUE EL B 42' 
AC3 Software B CO 31 ? 1 'BINDING SITE FOR RESIDUE CO B 31' 
AC4 Software A CO 32 ? 1 'BINDING SITE FOR RESIDUE CO A 32' 
1   ?        ? ?  ?  ? ? ?                                  
# 
loop_
_struct_site_gen.id 
_struct_site_gen.site_id 
_struct_site_gen.pdbx_num_res 
_struct_site_gen.label_comp_id 
_struct_site_gen.label_asym_id 
_struct_site_gen.label_seq_id 
_struct_site_gen.pdbx_auth_ins_code 
_struct_site_gen.auth_comp_id 
_struct_site_gen.auth_asym_id 
_struct_site_gen.auth_seq_id 
_struct_site_gen.label_atom_id 
_struct_site_gen.label_alt_id 
_struct_site_gen.symmetry 
_struct_site_gen.details 
1  AC1 5 DC  A 5 ? DC  A 5  . ? 1_555 ? 
2  AC1 5 DG  A 6 ? DG  A 6  . ? 1_555 ? 
3  AC1 5 DC  B 1 ? DC  B 1  . ? 1_555 ? 
4  AC1 5 DG  B 2 ? DG  B 2  . ? 1_555 ? 
5  AC1 5 EL  E . ? EL  B 42 . ? 5_565 ? 
6  AC2 6 DC  A 1 ? DC  A 1  . ? 1_555 ? 
7  AC2 6 DG  A 2 ? DG  A 2  . ? 1_555 ? 
8  AC2 6 EL  C . ? EL  A 41 . ? 6_654 ? 
9  AC2 6 DC  B 5 ? DC  B 5  . ? 1_555 ? 
10 AC2 6 DG  B 6 ? DG  B 6  . ? 1_555 ? 
11 AC2 6 HOH I . ? HOH B 50 . ? 1_555 ? 
12 AC3 1 DG  B 2 ? DG  B 2  . ? 1_555 ? 
13 AC4 1 DG  A 2 ? DG  A 2  . ? 1_555 ? 
# 
loop_
_pdbx_validate_rmsd_angle.id 
_pdbx_validate_rmsd_angle.PDB_model_num 
_pdbx_validate_rmsd_angle.auth_atom_id_1 
_pdbx_validate_rmsd_angle.auth_asym_id_1 
_pdbx_validate_rmsd_angle.auth_comp_id_1 
_pdbx_validate_rmsd_angle.auth_seq_id_1 
_pdbx_validate_rmsd_angle.PDB_ins_code_1 
_pdbx_validate_rmsd_angle.label_alt_id_1 
_pdbx_validate_rmsd_angle.auth_atom_id_2 
_pdbx_validate_rmsd_angle.auth_asym_id_2 
_pdbx_validate_rmsd_angle.auth_comp_id_2 
_pdbx_validate_rmsd_angle.auth_seq_id_2 
_pdbx_validate_rmsd_angle.PDB_ins_code_2 
_pdbx_validate_rmsd_angle.label_alt_id_2 
_pdbx_validate_rmsd_angle.auth_atom_id_3 
_pdbx_validate_rmsd_angle.auth_asym_id_3 
_pdbx_validate_rmsd_angle.auth_comp_id_3 
_pdbx_validate_rmsd_angle.auth_seq_id_3 
_pdbx_validate_rmsd_angle.PDB_ins_code_3 
_pdbx_validate_rmsd_angle.label_alt_id_3 
_pdbx_validate_rmsd_angle.angle_value 
_pdbx_validate_rmsd_angle.angle_target_value 
_pdbx_validate_rmsd_angle.angle_deviation 
_pdbx_validate_rmsd_angle.angle_standard_deviation 
_pdbx_validate_rmsd_angle.linker_flag 
1 1 "O4'" A DC 1 ? ? "C1'" A DC 1 ? ? N1 A DC 1 ? ? 110.43 108.30 2.13  0.30 N 
2 1 "O4'" A DA 3 ? ? "C1'" A DA 3 ? ? N9 A DA 3 ? ? 102.08 108.00 -5.92 0.70 N 
3 1 "O4'" A DG 6 ? ? "C1'" A DG 6 ? ? N9 A DG 6 ? ? 101.62 108.00 -6.38 0.70 N 
4 1 "O4'" B DA 3 ? ? "C1'" B DA 3 ? ? N9 B DA 3 ? ? 101.44 108.00 -6.56 0.70 N 
5 1 "O4'" B DG 6 ? ? "C1'" B DG 6 ? ? N9 B DG 6 ? ? 101.77 108.00 -6.23 0.70 N 
# 
_struct_site_keywords.site_id   1 
_struct_site_keywords.text      bis-intercalation 
# 
loop_
_chem_comp_atom.comp_id 
_chem_comp_atom.atom_id 
_chem_comp_atom.type_symbol 
_chem_comp_atom.pdbx_aromatic_flag 
_chem_comp_atom.pdbx_stereo_config 
_chem_comp_atom.pdbx_ordinal 
CO  CO     CO N N 1   
DA  OP3    O  N N 2   
DA  P      P  N N 3   
DA  OP1    O  N N 4   
DA  OP2    O  N N 5   
DA  "O5'"  O  N N 6   
DA  "C5'"  C  N N 7   
DA  "C4'"  C  N R 8   
DA  "O4'"  O  N N 9   
DA  "C3'"  C  N S 10  
DA  "O3'"  O  N N 11  
DA  "C2'"  C  N N 12  
DA  "C1'"  C  N R 13  
DA  N9     N  Y N 14  
DA  C8     C  Y N 15  
DA  N7     N  Y N 16  
DA  C5     C  Y N 17  
DA  C6     C  Y N 18  
DA  N6     N  N N 19  
DA  N1     N  Y N 20  
DA  C2     C  Y N 21  
DA  N3     N  Y N 22  
DA  C4     C  Y N 23  
DA  HOP3   H  N N 24  
DA  HOP2   H  N N 25  
DA  "H5'"  H  N N 26  
DA  "H5''" H  N N 27  
DA  "H4'"  H  N N 28  
DA  "H3'"  H  N N 29  
DA  "HO3'" H  N N 30  
DA  "H2'"  H  N N 31  
DA  "H2''" H  N N 32  
DA  "H1'"  H  N N 33  
DA  H8     H  N N 34  
DA  H61    H  N N 35  
DA  H62    H  N N 36  
DA  H2     H  N N 37  
DC  OP3    O  N N 38  
DC  P      P  N N 39  
DC  OP1    O  N N 40  
DC  OP2    O  N N 41  
DC  "O5'"  O  N N 42  
DC  "C5'"  C  N N 43  
DC  "C4'"  C  N R 44  
DC  "O4'"  O  N N 45  
DC  "C3'"  C  N S 46  
DC  "O3'"  O  N N 47  
DC  "C2'"  C  N N 48  
DC  "C1'"  C  N R 49  
DC  N1     N  N N 50  
DC  C2     C  N N 51  
DC  O2     O  N N 52  
DC  N3     N  N N 53  
DC  C4     C  N N 54  
DC  N4     N  N N 55  
DC  C5     C  N N 56  
DC  C6     C  N N 57  
DC  HOP3   H  N N 58  
DC  HOP2   H  N N 59  
DC  "H5'"  H  N N 60  
DC  "H5''" H  N N 61  
DC  "H4'"  H  N N 62  
DC  "H3'"  H  N N 63  
DC  "HO3'" H  N N 64  
DC  "H2'"  H  N N 65  
DC  "H2''" H  N N 66  
DC  "H1'"  H  N N 67  
DC  H41    H  N N 68  
DC  H42    H  N N 69  
DC  H5     H  N N 70  
DC  H6     H  N N 71  
DG  OP3    O  N N 72  
DG  P      P  N N 73  
DG  OP1    O  N N 74  
DG  OP2    O  N N 75  
DG  "O5'"  O  N N 76  
DG  "C5'"  C  N N 77  
DG  "C4'"  C  N R 78  
DG  "O4'"  O  N N 79  
DG  "C3'"  C  N S 80  
DG  "O3'"  O  N N 81  
DG  "C2'"  C  N N 82  
DG  "C1'"  C  N R 83  
DG  N9     N  Y N 84  
DG  C8     C  Y N 85  
DG  N7     N  Y N 86  
DG  C5     C  Y N 87  
DG  C6     C  N N 88  
DG  O6     O  N N 89  
DG  N1     N  N N 90  
DG  C2     C  N N 91  
DG  N2     N  N N 92  
DG  N3     N  N N 93  
DG  C4     C  Y N 94  
DG  HOP3   H  N N 95  
DG  HOP2   H  N N 96  
DG  "H5'"  H  N N 97  
DG  "H5''" H  N N 98  
DG  "H4'"  H  N N 99  
DG  "H3'"  H  N N 100 
DG  "HO3'" H  N N 101 
DG  "H2'"  H  N N 102 
DG  "H2''" H  N N 103 
DG  "H1'"  H  N N 104 
DG  H8     H  N N 105 
DG  H1     H  N N 106 
DG  H21    H  N N 107 
DG  H22    H  N N 108 
DT  OP3    O  N N 109 
DT  P      P  N N 110 
DT  OP1    O  N N 111 
DT  OP2    O  N N 112 
DT  "O5'"  O  N N 113 
DT  "C5'"  C  N N 114 
DT  "C4'"  C  N R 115 
DT  "O4'"  O  N N 116 
DT  "C3'"  C  N S 117 
DT  "O3'"  O  N N 118 
DT  "C2'"  C  N N 119 
DT  "C1'"  C  N R 120 
DT  N1     N  N N 121 
DT  C2     C  N N 122 
DT  O2     O  N N 123 
DT  N3     N  N N 124 
DT  C4     C  N N 125 
DT  O4     O  N N 126 
DT  C5     C  N N 127 
DT  C7     C  N N 128 
DT  C6     C  N N 129 
DT  HOP3   H  N N 130 
DT  HOP2   H  N N 131 
DT  "H5'"  H  N N 132 
DT  "H5''" H  N N 133 
DT  "H4'"  H  N N 134 
DT  "H3'"  H  N N 135 
DT  "HO3'" H  N N 136 
DT  "H2'"  H  N N 137 
DT  "H2''" H  N N 138 
DT  "H1'"  H  N N 139 
DT  H3     H  N N 140 
DT  H71    H  N N 141 
DT  H72    H  N N 142 
DT  H73    H  N N 143 
DT  H6     H  N N 144 
EL  C1     C  Y N 145 
EL  C2     C  Y N 146 
EL  C3     C  Y N 147 
EL  C4     C  Y N 148 
EL  C5     C  Y N 149 
EL  C6     C  Y N 150 
EL  N7     N  Y N 151 
EL  C8     C  Y N 152 
EL  C9     C  Y N 153 
EL  C10    C  Y N 154 
EL  C11    C  N N 155 
EL  C12    C  Y N 156 
EL  C13    C  Y N 157 
EL  C14    C  Y N 158 
EL  C15    C  N N 159 
EL  C16    C  Y N 160 
EL  C17    C  Y N 161 
EL  N18    N  Y N 162 
EL  C19    C  Y N 163 
EL  H1     H  N N 164 
EL  H2     H  N N 165 
EL  H3     H  N N 166 
EL  H6     H  N N 167 
EL  HN7    H  N N 168 
EL  H111   H  N N 169 
EL  H112   H  N N 170 
EL  H113   H  N N 171 
EL  H151   H  N N 172 
EL  H152   H  N N 173 
EL  H153   H  N N 174 
EL  H16    H  N N 175 
EL  H17    H  N N 176 
EL  H18    H  N N 177 
EL  H19    H  N N 178 
HOH O      O  N N 179 
HOH H1     H  N N 180 
HOH H2     H  N N 181 
# 
loop_
_chem_comp_bond.comp_id 
_chem_comp_bond.atom_id_1 
_chem_comp_bond.atom_id_2 
_chem_comp_bond.value_order 
_chem_comp_bond.pdbx_aromatic_flag 
_chem_comp_bond.pdbx_stereo_config 
_chem_comp_bond.pdbx_ordinal 
DA  OP3   P      sing N N 1   
DA  OP3   HOP3   sing N N 2   
DA  P     OP1    doub N N 3   
DA  P     OP2    sing N N 4   
DA  P     "O5'"  sing N N 5   
DA  OP2   HOP2   sing N N 6   
DA  "O5'" "C5'"  sing N N 7   
DA  "C5'" "C4'"  sing N N 8   
DA  "C5'" "H5'"  sing N N 9   
DA  "C5'" "H5''" sing N N 10  
DA  "C4'" "O4'"  sing N N 11  
DA  "C4'" "C3'"  sing N N 12  
DA  "C4'" "H4'"  sing N N 13  
DA  "O4'" "C1'"  sing N N 14  
DA  "C3'" "O3'"  sing N N 15  
DA  "C3'" "C2'"  sing N N 16  
DA  "C3'" "H3'"  sing N N 17  
DA  "O3'" "HO3'" sing N N 18  
DA  "C2'" "C1'"  sing N N 19  
DA  "C2'" "H2'"  sing N N 20  
DA  "C2'" "H2''" sing N N 21  
DA  "C1'" N9     sing N N 22  
DA  "C1'" "H1'"  sing N N 23  
DA  N9    C8     sing Y N 24  
DA  N9    C4     sing Y N 25  
DA  C8    N7     doub Y N 26  
DA  C8    H8     sing N N 27  
DA  N7    C5     sing Y N 28  
DA  C5    C6     sing Y N 29  
DA  C5    C4     doub Y N 30  
DA  C6    N6     sing N N 31  
DA  C6    N1     doub Y N 32  
DA  N6    H61    sing N N 33  
DA  N6    H62    sing N N 34  
DA  N1    C2     sing Y N 35  
DA  C2    N3     doub Y N 36  
DA  C2    H2     sing N N 37  
DA  N3    C4     sing Y N 38  
DC  OP3   P      sing N N 39  
DC  OP3   HOP3   sing N N 40  
DC  P     OP1    doub N N 41  
DC  P     OP2    sing N N 42  
DC  P     "O5'"  sing N N 43  
DC  OP2   HOP2   sing N N 44  
DC  "O5'" "C5'"  sing N N 45  
DC  "C5'" "C4'"  sing N N 46  
DC  "C5'" "H5'"  sing N N 47  
DC  "C5'" "H5''" sing N N 48  
DC  "C4'" "O4'"  sing N N 49  
DC  "C4'" "C3'"  sing N N 50  
DC  "C4'" "H4'"  sing N N 51  
DC  "O4'" "C1'"  sing N N 52  
DC  "C3'" "O3'"  sing N N 53  
DC  "C3'" "C2'"  sing N N 54  
DC  "C3'" "H3'"  sing N N 55  
DC  "O3'" "HO3'" sing N N 56  
DC  "C2'" "C1'"  sing N N 57  
DC  "C2'" "H2'"  sing N N 58  
DC  "C2'" "H2''" sing N N 59  
DC  "C1'" N1     sing N N 60  
DC  "C1'" "H1'"  sing N N 61  
DC  N1    C2     sing N N 62  
DC  N1    C6     sing N N 63  
DC  C2    O2     doub N N 64  
DC  C2    N3     sing N N 65  
DC  N3    C4     doub N N 66  
DC  C4    N4     sing N N 67  
DC  C4    C5     sing N N 68  
DC  N4    H41    sing N N 69  
DC  N4    H42    sing N N 70  
DC  C5    C6     doub N N 71  
DC  C5    H5     sing N N 72  
DC  C6    H6     sing N N 73  
DG  OP3   P      sing N N 74  
DG  OP3   HOP3   sing N N 75  
DG  P     OP1    doub N N 76  
DG  P     OP2    sing N N 77  
DG  P     "O5'"  sing N N 78  
DG  OP2   HOP2   sing N N 79  
DG  "O5'" "C5'"  sing N N 80  
DG  "C5'" "C4'"  sing N N 81  
DG  "C5'" "H5'"  sing N N 82  
DG  "C5'" "H5''" sing N N 83  
DG  "C4'" "O4'"  sing N N 84  
DG  "C4'" "C3'"  sing N N 85  
DG  "C4'" "H4'"  sing N N 86  
DG  "O4'" "C1'"  sing N N 87  
DG  "C3'" "O3'"  sing N N 88  
DG  "C3'" "C2'"  sing N N 89  
DG  "C3'" "H3'"  sing N N 90  
DG  "O3'" "HO3'" sing N N 91  
DG  "C2'" "C1'"  sing N N 92  
DG  "C2'" "H2'"  sing N N 93  
DG  "C2'" "H2''" sing N N 94  
DG  "C1'" N9     sing N N 95  
DG  "C1'" "H1'"  sing N N 96  
DG  N9    C8     sing Y N 97  
DG  N9    C4     sing Y N 98  
DG  C8    N7     doub Y N 99  
DG  C8    H8     sing N N 100 
DG  N7    C5     sing Y N 101 
DG  C5    C6     sing N N 102 
DG  C5    C4     doub Y N 103 
DG  C6    O6     doub N N 104 
DG  C6    N1     sing N N 105 
DG  N1    C2     sing N N 106 
DG  N1    H1     sing N N 107 
DG  C2    N2     sing N N 108 
DG  C2    N3     doub N N 109 
DG  N2    H21    sing N N 110 
DG  N2    H22    sing N N 111 
DG  N3    C4     sing N N 112 
DT  OP3   P      sing N N 113 
DT  OP3   HOP3   sing N N 114 
DT  P     OP1    doub N N 115 
DT  P     OP2    sing N N 116 
DT  P     "O5'"  sing N N 117 
DT  OP2   HOP2   sing N N 118 
DT  "O5'" "C5'"  sing N N 119 
DT  "C5'" "C4'"  sing N N 120 
DT  "C5'" "H5'"  sing N N 121 
DT  "C5'" "H5''" sing N N 122 
DT  "C4'" "O4'"  sing N N 123 
DT  "C4'" "C3'"  sing N N 124 
DT  "C4'" "H4'"  sing N N 125 
DT  "O4'" "C1'"  sing N N 126 
DT  "C3'" "O3'"  sing N N 127 
DT  "C3'" "C2'"  sing N N 128 
DT  "C3'" "H3'"  sing N N 129 
DT  "O3'" "HO3'" sing N N 130 
DT  "C2'" "C1'"  sing N N 131 
DT  "C2'" "H2'"  sing N N 132 
DT  "C2'" "H2''" sing N N 133 
DT  "C1'" N1     sing N N 134 
DT  "C1'" "H1'"  sing N N 135 
DT  N1    C2     sing N N 136 
DT  N1    C6     sing N N 137 
DT  C2    O2     doub N N 138 
DT  C2    N3     sing N N 139 
DT  N3    C4     sing N N 140 
DT  N3    H3     sing N N 141 
DT  C4    O4     doub N N 142 
DT  C4    C5     sing N N 143 
DT  C5    C7     sing N N 144 
DT  C5    C6     doub N N 145 
DT  C7    H71    sing N N 146 
DT  C7    H72    sing N N 147 
DT  C7    H73    sing N N 148 
DT  C6    H6     sing N N 149 
EL  C1    C2     doub Y N 150 
EL  C1    C6     sing Y N 151 
EL  C1    H1     sing N N 152 
EL  C2    C3     sing Y N 153 
EL  C2    H2     sing N N 154 
EL  C3    C4     doub Y N 155 
EL  C3    H3     sing N N 156 
EL  C4    C5     sing Y N 157 
EL  C4    N7     sing Y N 158 
EL  C5    C6     doub Y N 159 
EL  C5    C9     sing Y N 160 
EL  C6    H6     sing N N 161 
EL  N7    C8     sing Y N 162 
EL  N7    HN7    sing N N 163 
EL  C8    C9     doub Y N 164 
EL  C8    C10    sing Y N 165 
EL  C9    C14    sing Y N 166 
EL  C10   C11    sing N N 167 
EL  C10   C12    doub Y N 168 
EL  C11   H111   sing N N 169 
EL  C11   H112   sing N N 170 
EL  C11   H113   sing N N 171 
EL  C12   C13    sing Y N 172 
EL  C12   C16    sing Y N 173 
EL  C13   C14    doub Y N 174 
EL  C13   C19    sing Y N 175 
EL  C14   C15    sing N N 176 
EL  C15   H151   sing N N 177 
EL  C15   H152   sing N N 178 
EL  C15   H153   sing N N 179 
EL  C16   C17    doub Y N 180 
EL  C16   H16    sing N N 181 
EL  C17   N18    sing Y N 182 
EL  C17   H17    sing N N 183 
EL  N18   C19    doub Y N 184 
EL  N18   H18    sing N N 185 
EL  C19   H19    sing N N 186 
HOH O     H1     sing N N 187 
HOH O     H2     sing N N 188 
# 
_ndb_struct_conf_na.entry_id   1Z3F 
_ndb_struct_conf_na.feature    'b-form double helix' 
# 
loop_
_ndb_struct_na_base_pair.model_number 
_ndb_struct_na_base_pair.i_label_asym_id 
_ndb_struct_na_base_pair.i_label_comp_id 
_ndb_struct_na_base_pair.i_label_seq_id 
_ndb_struct_na_base_pair.i_symmetry 
_ndb_struct_na_base_pair.j_label_asym_id 
_ndb_struct_na_base_pair.j_label_comp_id 
_ndb_struct_na_base_pair.j_label_seq_id 
_ndb_struct_na_base_pair.j_symmetry 
_ndb_struct_na_base_pair.shear 
_ndb_struct_na_base_pair.stretch 
_ndb_struct_na_base_pair.stagger 
_ndb_struct_na_base_pair.buckle 
_ndb_struct_na_base_pair.propeller 
_ndb_struct_na_base_pair.opening 
_ndb_struct_na_base_pair.pair_number 
_ndb_struct_na_base_pair.pair_name 
_ndb_struct_na_base_pair.i_auth_asym_id 
_ndb_struct_na_base_pair.i_auth_seq_id 
_ndb_struct_na_base_pair.i_PDB_ins_code 
_ndb_struct_na_base_pair.j_auth_asym_id 
_ndb_struct_na_base_pair.j_auth_seq_id 
_ndb_struct_na_base_pair.j_PDB_ins_code 
_ndb_struct_na_base_pair.hbond_type_28 
_ndb_struct_na_base_pair.hbond_type_12 
1 A DC 1 1_555 B DG 6 1_555 0.328  -0.222 0.328  -3.608 -9.671  -4.129 1 A_DC1:DG6_B A 1 ? B 6 ? 19 1 
1 A DG 2 1_555 B DC 5 1_555 -0.418 -0.060 -0.211 -6.485 -1.970  -0.588 2 A_DG2:DC5_B A 2 ? B 5 ? 19 1 
1 A DA 3 1_555 B DT 4 1_555 0.177  -0.129 0.136  1.514  -13.393 2.929  3 A_DA3:DT4_B A 3 ? B 4 ? 20 1 
1 A DT 4 1_555 B DA 3 1_555 -0.131 -0.101 0.151  -1.323 -13.332 3.211  4 A_DT4:DA3_B A 4 ? B 3 ? 20 1 
1 A DC 5 1_555 B DG 2 1_555 0.311  -0.125 -0.200 6.295  -2.197  -1.495 5 A_DC5:DG2_B A 5 ? B 2 ? 19 1 
1 A DG 6 1_555 B DC 1 1_555 -0.394 -0.204 0.267  2.395  -9.444  -3.350 6 A_DG6:DC1_B A 6 ? B 1 ? 19 1 
# 
loop_
_ndb_struct_na_base_pair_step.model_number 
_ndb_struct_na_base_pair_step.i_label_asym_id_1 
_ndb_struct_na_base_pair_step.i_label_comp_id_1 
_ndb_struct_na_base_pair_step.i_label_seq_id_1 
_ndb_struct_na_base_pair_step.i_symmetry_1 
_ndb_struct_na_base_pair_step.j_label_asym_id_1 
_ndb_struct_na_base_pair_step.j_label_comp_id_1 
_ndb_struct_na_base_pair_step.j_label_seq_id_1 
_ndb_struct_na_base_pair_step.j_symmetry_1 
_ndb_struct_na_base_pair_step.i_label_asym_id_2 
_ndb_struct_na_base_pair_step.i_label_comp_id_2 
_ndb_struct_na_base_pair_step.i_label_seq_id_2 
_ndb_struct_na_base_pair_step.i_symmetry_2 
_ndb_struct_na_base_pair_step.j_label_asym_id_2 
_ndb_struct_na_base_pair_step.j_label_comp_id_2 
_ndb_struct_na_base_pair_step.j_label_seq_id_2 
_ndb_struct_na_base_pair_step.j_symmetry_2 
_ndb_struct_na_base_pair_step.shift 
_ndb_struct_na_base_pair_step.slide 
_ndb_struct_na_base_pair_step.rise 
_ndb_struct_na_base_pair_step.tilt 
_ndb_struct_na_base_pair_step.roll 
_ndb_struct_na_base_pair_step.twist 
_ndb_struct_na_base_pair_step.x_displacement 
_ndb_struct_na_base_pair_step.y_displacement 
_ndb_struct_na_base_pair_step.helical_rise 
_ndb_struct_na_base_pair_step.inclination 
_ndb_struct_na_base_pair_step.tip 
_ndb_struct_na_base_pair_step.helical_twist 
_ndb_struct_na_base_pair_step.step_number 
_ndb_struct_na_base_pair_step.step_name 
_ndb_struct_na_base_pair_step.i_auth_asym_id_1 
_ndb_struct_na_base_pair_step.i_auth_seq_id_1 
_ndb_struct_na_base_pair_step.i_PDB_ins_code_1 
_ndb_struct_na_base_pair_step.j_auth_asym_id_1 
_ndb_struct_na_base_pair_step.j_auth_seq_id_1 
_ndb_struct_na_base_pair_step.j_PDB_ins_code_1 
_ndb_struct_na_base_pair_step.i_auth_asym_id_2 
_ndb_struct_na_base_pair_step.i_auth_seq_id_2 
_ndb_struct_na_base_pair_step.i_PDB_ins_code_2 
_ndb_struct_na_base_pair_step.j_auth_asym_id_2 
_ndb_struct_na_base_pair_step.j_auth_seq_id_2 
_ndb_struct_na_base_pair_step.j_PDB_ins_code_2 
1 A DC 1 1_555 B DG 6 1_555 A DG 2 1_555 B DC 5 1_555 0.058  0.572  6.873 5.154  2.406  18.899 -0.769 5.056  6.670 7.120  -15.255 
19.729 1 AA_DC1DG2:DC5DG6_BB A 1 ? B 6 ? A 2 ? B 5 ? 
1 A DG 2 1_555 B DC 5 1_555 A DA 3 1_555 B DT 4 1_555 -0.844 2.140  3.214 -7.796 6.236  38.453 2.382  0.280  3.602 9.279  11.601  
39.681 2 AA_DG2DA3:DT4DC5_BB A 2 ? B 5 ? A 3 ? B 4 ? 
1 A DA 3 1_555 B DT 4 1_555 A DT 4 1_555 B DA 3 1_555 0.033  -0.112 3.325 0.287  -1.863 32.753 0.127  -0.008 3.326 -3.300 -0.508  
32.806 3 AA_DA3DT4:DA3DT4_BB A 3 ? B 4 ? A 4 ? B 3 ? 
1 A DT 4 1_555 B DA 3 1_555 A DC 5 1_555 B DG 2 1_555 0.839  2.114  3.216 8.074  6.363  37.898 2.342  -0.225 3.609 9.583  -12.160 
39.218 4 AA_DT4DC5:DG2DA3_BB A 4 ? B 3 ? A 5 ? B 2 ? 
1 A DC 5 1_555 B DG 2 1_555 A DG 6 1_555 B DC 1 1_555 0.011  0.623  6.881 -4.675 3.373  19.153 -1.544 -4.657 6.696 9.852  13.655  
19.994 5 AA_DC5DG6:DC1DG2_BB A 5 ? B 2 ? A 6 ? B 1 ? 
# 
_atom_sites.entry_id                    1Z3F 
_atom_sites.fract_transf_matrix[1][1]   -0.00024450 
_atom_sites.fract_transf_matrix[1][2]   -0.04493602 
_atom_sites.fract_transf_matrix[1][3]   -0.01175157 
_atom_sites.fract_transf_matrix[2][1]   0.03442870 
_atom_sites.fract_transf_matrix[2][2]   -0.02785546 
_atom_sites.fract_transf_matrix[2][3]   0.01400553 
_atom_sites.fract_transf_matrix[3][1]   -0.00649330 
_atom_sites.fract_transf_matrix[3][2]   -0.00272280 
_atom_sites.fract_transf_matrix[3][3]   0.01054662 
_atom_sites.fract_transf_vector[1]      0.456308 
_atom_sites.fract_transf_vector[2]      0.732329 
_atom_sites.fract_transf_vector[3]      0.477231 
# 
loop_
_atom_type.symbol 
C  
CO 
N  
O  
P  
# 
loop_
_atom_site.group_PDB 
_atom_site.id 
_atom_site.type_symbol 
_atom_site.label_atom_id 
_atom_site.label_alt_id 
_atom_site.label_comp_id 
_atom_site.label_asym_id 
_atom_site.label_entity_id 
_atom_site.label_seq_id 
_atom_site.pdbx_PDB_ins_code 
_atom_site.Cartn_x 
_atom_site.Cartn_y 
_atom_site.Cartn_z 
_atom_site.occupancy 
_atom_site.B_iso_or_equiv 
_atom_site.pdbx_formal_charge 
_atom_site.auth_seq_id 
_atom_site.auth_comp_id 
_atom_site.auth_asym_id 
_atom_site.auth_atom_id 
_atom_site.pdbx_PDB_model_num 
ATOM   1   O  "O5'" . DC  A 1 1 ? 0.088   10.908  -7.655  1.00 39.90 ? 1  DC  A "O5'" 1 
ATOM   2   C  "C5'" . DC  A 1 1 ? -0.996  11.490  -8.420  1.00 36.24 ? 1  DC  A "C5'" 1 
ATOM   3   C  "C4'" . DC  A 1 1 ? -1.878  10.399  -9.002  1.00 33.25 ? 1  DC  A "C4'" 1 
ATOM   4   O  "O4'" . DC  A 1 1 ? -1.212  9.805   -10.133 1.00 32.63 ? 1  DC  A "O4'" 1 
ATOM   5   C  "C3'" . DC  A 1 1 ? -2.146  9.230   -8.066  1.00 34.37 ? 1  DC  A "C3'" 1 
ATOM   6   O  "O3'" . DC  A 1 1 ? -3.343  9.453   -7.346  1.00 36.74 ? 1  DC  A "O3'" 1 
ATOM   7   C  "C2'" . DC  A 1 1 ? -2.281  8.014   -8.969  1.00 33.04 ? 1  DC  A "C2'" 1 
ATOM   8   C  "C1'" . DC  A 1 1 ? -1.304  8.379   -10.070 1.00 30.08 ? 1  DC  A "C1'" 1 
ATOM   9   N  N1    . DC  A 1 1 ? 0.087   7.756   -10.063 1.00 29.81 ? 1  DC  A N1    1 
ATOM   10  C  C2    . DC  A 1 1 ? 0.223   6.430   -10.522 1.00 28.58 ? 1  DC  A C2    1 
ATOM   11  O  O2    . DC  A 1 1 ? -0.798  5.804   -10.831 1.00 27.85 ? 1  DC  A O2    1 
ATOM   12  N  N3    . DC  A 1 1 ? 1.471   5.867   -10.557 1.00 27.25 ? 1  DC  A N3    1 
ATOM   13  C  C4    . DC  A 1 1 ? 2.531   6.596   -10.163 1.00 27.02 ? 1  DC  A C4    1 
ATOM   14  N  N4    . DC  A 1 1 ? 3.728   5.998   -10.217 1.00 27.67 ? 1  DC  A N4    1 
ATOM   15  C  C5    . DC  A 1 1 ? 2.423   7.945   -9.684  1.00 28.38 ? 1  DC  A C5    1 
ATOM   16  C  C6    . DC  A 1 1 ? 1.189   8.484   -9.671  1.00 29.65 ? 1  DC  A C6    1 
ATOM   17  P  P     . DG  A 1 2 ? -3.391  9.165   -5.756  1.00 37.87 ? 2  DG  A P     1 
ATOM   18  O  OP1   . DG  A 1 2 ? -4.731  9.621   -5.327  1.00 40.70 ? 2  DG  A OP1   1 
ATOM   19  O  OP2   . DG  A 1 2 ? -2.151  9.678   -5.101  1.00 40.17 ? 2  DG  A OP2   1 
ATOM   20  O  "O5'" . DG  A 1 2 ? -3.378  7.557   -5.605  1.00 37.90 ? 2  DG  A "O5'" 1 
ATOM   21  C  "C5'" . DG  A 1 2 ? -4.517  6.822   -6.084  1.00 35.17 ? 2  DG  A "C5'" 1 
ATOM   22  C  "C4'" . DG  A 1 2 ? -4.802  5.614   -5.204  1.00 32.43 ? 2  DG  A "C4'" 1 
ATOM   23  O  "O4'" . DG  A 1 2 ? -3.587  4.830   -5.141  1.00 31.12 ? 2  DG  A "O4'" 1 
ATOM   24  C  "C3'" . DG  A 1 2 ? -5.176  5.878   -3.750  1.00 31.94 ? 2  DG  A "C3'" 1 
ATOM   25  O  "O3'" . DG  A 1 2 ? -5.963  4.814   -3.290  1.00 32.81 ? 2  DG  A "O3'" 1 
ATOM   26  C  "C2'" . DG  A 1 2 ? -3.845  5.760   -3.039  1.00 29.75 ? 2  DG  A "C2'" 1 
ATOM   27  C  "C1'" . DG  A 1 2 ? -3.206  4.608   -3.797  1.00 27.01 ? 2  DG  A "C1'" 1 
ATOM   28  N  N9    . DG  A 1 2 ? -1.751  4.585   -3.781  1.00 26.00 ? 2  DG  A N9    1 
ATOM   29  C  C8    . DG  A 1 2 ? -0.893  5.570   -3.396  1.00 25.99 ? 2  DG  A C8    1 
ATOM   30  N  N7    . DG  A 1 2 ? 0.369   5.247   -3.494  1.00 27.83 ? 2  DG  A N7    1 
ATOM   31  C  C5    . DG  A 1 2 ? 0.343   3.962   -4.022  1.00 25.73 ? 2  DG  A C5    1 
ATOM   32  C  C6    . DG  A 1 2 ? 1.414   3.104   -4.357  1.00 26.13 ? 2  DG  A C6    1 
ATOM   33  O  O6    . DG  A 1 2 ? 2.639   3.333   -4.267  1.00 25.80 ? 2  DG  A O6    1 
ATOM   34  N  N1    . DG  A 1 2 ? 0.975   1.881   -4.837  1.00 24.64 ? 2  DG  A N1    1 
ATOM   35  C  C2    . DG  A 1 2 ? -0.371  1.549   -4.972  1.00 24.94 ? 2  DG  A C2    1 
ATOM   36  N  N2    . DG  A 1 2 ? -0.657  0.329   -5.426  1.00 24.96 ? 2  DG  A N2    1 
ATOM   37  N  N3    . DG  A 1 2 ? -1.380  2.358   -4.654  1.00 25.53 ? 2  DG  A N3    1 
ATOM   38  C  C4    . DG  A 1 2 ? -0.950  3.548   -4.186  1.00 26.02 ? 2  DG  A C4    1 
ATOM   39  P  P     . DA  A 1 3 ? -7.526  4.898   -2.962  1.00 33.48 ? 3  DA  A P     1 
ATOM   40  O  OP1   . DA  A 1 3 ? -8.213  5.407   -4.156  1.00 36.79 ? 3  DA  A OP1   1 
ATOM   41  O  OP2   . DA  A 1 3 ? -7.708  5.468   -1.628  1.00 34.83 ? 3  DA  A OP2   1 
ATOM   42  O  "O5'" . DA  A 1 3 ? -7.899  3.374   -2.779  1.00 29.71 ? 3  DA  A "O5'" 1 
ATOM   43  C  "C5'" . DA  A 1 3 ? -7.919  2.524   -3.871  1.00 28.50 ? 3  DA  A "C5'" 1 
ATOM   44  C  "C4'" . DA  A 1 3 ? -7.545  1.136   -3.419  1.00 26.59 ? 3  DA  A "C4'" 1 
ATOM   45  O  "O4'" . DA  A 1 3 ? -6.112  1.028   -3.220  1.00 26.38 ? 3  DA  A "O4'" 1 
ATOM   46  C  "C3'" . DA  A 1 3 ? -8.212  0.625   -2.152  1.00 27.12 ? 3  DA  A "C3'" 1 
ATOM   47  O  "O3'" . DA  A 1 3 ? -8.642  -0.688  -2.466  1.00 28.57 ? 3  DA  A "O3'" 1 
ATOM   48  C  "C2'" . DA  A 1 3 ? -7.086  0.623   -1.119  1.00 25.57 ? 3  DA  A "C2'" 1 
ATOM   49  C  "C1'" . DA  A 1 3 ? -5.810  0.518   -1.935  1.00 24.39 ? 3  DA  A "C1'" 1 
ATOM   50  N  N9    . DA  A 1 3 ? -4.704  1.368   -1.523  1.00 24.41 ? 3  DA  A N9    1 
ATOM   51  C  C8    . DA  A 1 3 ? -4.737  2.649   -1.027  1.00 24.48 ? 3  DA  A C8    1 
ATOM   52  N  N7    . DA  A 1 3 ? -3.568  3.166   -0.786  1.00 25.56 ? 3  DA  A N7    1 
ATOM   53  C  C5    . DA  A 1 3 ? -2.702  2.163   -1.175  1.00 24.66 ? 3  DA  A C5    1 
ATOM   54  C  C6    . DA  A 1 3 ? -1.286  2.063   -1.168  1.00 24.07 ? 3  DA  A C6    1 
ATOM   55  N  N6    . DA  A 1 3 ? -0.496  3.075   -0.789  1.00 24.80 ? 3  DA  A N6    1 
ATOM   56  N  N1    . DA  A 1 3 ? -0.710  0.921   -1.582  1.00 24.11 ? 3  DA  A N1    1 
ATOM   57  C  C2    . DA  A 1 3 ? -1.498  -0.086  -1.961  1.00 24.68 ? 3  DA  A C2    1 
ATOM   58  N  N3    . DA  A 1 3 ? -2.839  -0.121  -2.022  1.00 25.20 ? 3  DA  A N3    1 
ATOM   59  C  C4    . DA  A 1 3 ? -3.379  1.038   -1.616  1.00 23.65 ? 3  DA  A C4    1 
ATOM   60  P  P     . DT  A 1 4 ? -9.332  -1.701  -1.441  1.00 29.03 ? 4  DT  A P     1 
ATOM   61  O  OP1   . DT  A 1 4 ? -10.134 -2.634  -2.256  1.00 30.79 ? 4  DT  A OP1   1 
ATOM   62  O  OP2   . DT  A 1 4 ? -9.968  -0.977  -0.334  1.00 31.81 ? 4  DT  A OP2   1 
ATOM   63  O  "O5'" . DT  A 1 4 ? -8.078  -2.504  -0.857  1.00 29.01 ? 4  DT  A "O5'" 1 
ATOM   64  C  "C5'" . DT  A 1 4 ? -7.385  -3.502  -1.631  1.00 27.23 ? 4  DT  A "C5'" 1 
ATOM   65  C  "C4'" . DT  A 1 4 ? -6.118  -3.978  -0.942  1.00 28.23 ? 4  DT  A "C4'" 1 
ATOM   66  O  "O4'" . DT  A 1 4 ? -5.242  -2.867  -0.758  1.00 28.77 ? 4  DT  A "O4'" 1 
ATOM   67  C  "C3'" . DT  A 1 4 ? -6.372  -4.463  0.467   1.00 30.02 ? 4  DT  A "C3'" 1 
ATOM   68  O  "O3'" . DT  A 1 4 ? -6.510  -5.856  0.399   1.00 34.64 ? 4  DT  A "O3'" 1 
ATOM   69  C  "C2'" . DT  A 1 4 ? -5.148  -4.072  1.286   1.00 28.59 ? 4  DT  A "C2'" 1 
ATOM   70  C  "C1'" . DT  A 1 4 ? -4.354  -3.238  0.324   1.00 27.49 ? 4  DT  A "C1'" 1 
ATOM   71  N  N1    . DT  A 1 4 ? -3.838  -1.990  0.905   1.00 27.21 ? 4  DT  A N1    1 
ATOM   72  C  C2    . DT  A 1 4 ? -2.473  -1.739  0.964   1.00 25.45 ? 4  DT  A C2    1 
ATOM   73  O  O2    . DT  A 1 4 ? -1.607  -2.526  0.623   1.00 27.94 ? 4  DT  A O2    1 
ATOM   74  N  N3    . DT  A 1 4 ? -2.147  -0.510  1.471   1.00 24.83 ? 4  DT  A N3    1 
ATOM   75  C  C4    . DT  A 1 4 ? -3.009  0.473   1.901   1.00 25.81 ? 4  DT  A C4    1 
ATOM   76  O  O4    . DT  A 1 4 ? -2.597  1.544   2.302   1.00 27.35 ? 4  DT  A O4    1 
ATOM   77  C  C5    . DT  A 1 4 ? -4.420  0.189   1.812   1.00 25.66 ? 4  DT  A C5    1 
ATOM   78  C  C7    . DT  A 1 4 ? -5.440  1.178   2.317   1.00 24.86 ? 4  DT  A C7    1 
ATOM   79  C  C6    . DT  A 1 4 ? -4.747  -1.014  1.321   1.00 25.06 ? 4  DT  A C6    1 
ATOM   80  P  P     . DC  A 1 5 ? -7.360  -6.664  1.497   1.00 36.16 ? 5  DC  A P     1 
ATOM   81  O  OP1   . DC  A 1 5 ? -8.035  -7.784  0.802   1.00 37.82 ? 5  DC  A OP1   1 
ATOM   82  O  OP2   . DC  A 1 5 ? -8.077  -5.742  2.426   1.00 36.92 ? 5  DC  A OP2   1 
ATOM   83  O  "O5'" . DC  A 1 5 ? -6.164  -7.210  2.406   1.00 35.46 ? 5  DC  A "O5'" 1 
ATOM   84  C  "C5'" . DC  A 1 5 ? -5.107  -8.021  1.926   1.00 33.44 ? 5  DC  A "C5'" 1 
ATOM   85  C  "C4'" . DC  A 1 5 ? -4.010  -8.028  2.996   1.00 32.55 ? 5  DC  A "C4'" 1 
ATOM   86  O  "O4'" . DC  A 1 5 ? -3.574  -6.662  3.148   1.00 31.67 ? 5  DC  A "O4'" 1 
ATOM   87  C  "C3'" . DC  A 1 5 ? -4.404  -8.495  4.396   1.00 34.15 ? 5  DC  A "C3'" 1 
ATOM   88  O  "O3'" . DC  A 1 5 ? -3.481  -9.442  4.919   1.00 36.27 ? 5  DC  A "O3'" 1 
ATOM   89  C  "C2'" . DC  A 1 5 ? -4.381  -7.246  5.257   1.00 32.90 ? 5  DC  A "C2'" 1 
ATOM   90  C  "C1'" . DC  A 1 5 ? -3.455  -6.323  4.498   1.00 30.40 ? 5  DC  A "C1'" 1 
ATOM   91  N  N1    . DC  A 1 5 ? -3.879  -4.916  4.631   1.00 29.00 ? 5  DC  A N1    1 
ATOM   92  C  C2    . DC  A 1 5 ? -2.914  -3.892  4.614   1.00 28.79 ? 5  DC  A C2    1 
ATOM   93  O  O2    . DC  A 1 5 ? -1.743  -4.189  4.444   1.00 29.16 ? 5  DC  A O2    1 
ATOM   94  N  N3    . DC  A 1 5 ? -3.309  -2.590  4.746   1.00 27.49 ? 5  DC  A N3    1 
ATOM   95  C  C4    . DC  A 1 5 ? -4.593  -2.293  4.897   1.00 28.41 ? 5  DC  A C4    1 
ATOM   96  N  N4    . DC  A 1 5 ? -4.953  -1.017  5.033   1.00 29.29 ? 5  DC  A N4    1 
ATOM   97  C  C5    . DC  A 1 5 ? -5.582  -3.300  4.921   1.00 29.84 ? 5  DC  A C5    1 
ATOM   98  C  C6    . DC  A 1 5 ? -5.196  -4.588  4.796   1.00 30.18 ? 5  DC  A C6    1 
ATOM   99  P  P     . DG  A 1 6 ? -3.812  -10.272 6.267   1.00 37.64 ? 6  DG  A P     1 
ATOM   100 O  OP1   . DG  A 1 6 ? -3.247  -11.642 6.127   1.00 39.76 ? 6  DG  A OP1   1 
ATOM   101 O  OP2   . DG  A 1 6 ? -5.242  -10.139 6.605   1.00 40.82 ? 6  DG  A OP2   1 
ATOM   102 O  "O5'" . DG  A 1 6 ? -3.060  -9.427  7.392   1.00 35.50 ? 6  DG  A "O5'" 1 
ATOM   103 C  "C5'" . DG  A 1 6 ? -1.657  -9.557  7.586   1.00 33.74 ? 6  DG  A "C5'" 1 
ATOM   104 C  "C4'" . DG  A 1 6 ? -1.226  -9.296  9.013   1.00 31.18 ? 6  DG  A "C4'" 1 
ATOM   105 O  "O4'" . DG  A 1 6 ? -1.563  -7.951  9.393   1.00 29.56 ? 6  DG  A "O4'" 1 
ATOM   106 C  "C3'" . DG  A 1 6 ? -1.930  -10.136 10.059  1.00 30.88 ? 6  DG  A "C3'" 1 
ATOM   107 O  "O3'" . DG  A 1 6 ? -1.127  -11.308 10.287  1.00 34.36 ? 6  DG  A "O3'" 1 
ATOM   108 C  "C2'" . DG  A 1 6 ? -2.069  -9.224  11.279  1.00 30.29 ? 6  DG  A "C2'" 1 
ATOM   109 C  "C1'" . DG  A 1 6 ? -1.529  -7.877  10.794  1.00 27.34 ? 6  DG  A "C1'" 1 
ATOM   110 N  N9    . DG  A 1 6 ? -2.365  -6.714  11.046  1.00 26.83 ? 6  DG  A N9    1 
ATOM   111 C  C8    . DG  A 1 6 ? -3.729  -6.699  11.103  1.00 27.64 ? 6  DG  A C8    1 
ATOM   112 N  N7    . DG  A 1 6 ? -4.211  -5.504  11.324  1.00 27.26 ? 6  DG  A N7    1 
ATOM   113 C  C5    . DG  A 1 6 ? -3.102  -4.691  11.415  1.00 26.57 ? 6  DG  A C5    1 
ATOM   114 C  C6    . DG  A 1 6 ? -3.018  -3.297  11.619  1.00 26.72 ? 6  DG  A C6    1 
ATOM   115 O  O6    . DG  A 1 6 ? -3.958  -2.484  11.778  1.00 27.85 ? 6  DG  A O6    1 
ATOM   116 N  N1    . DG  A 1 6 ? -1.697  -2.862  11.601  1.00 25.65 ? 6  DG  A N1    1 
ATOM   117 C  C2    . DG  A 1 6 ? -0.576  -3.670  11.446  1.00 26.06 ? 6  DG  A C2    1 
ATOM   118 N  N2    . DG  A 1 6 ? 0.644   -3.136  11.469  1.00 25.79 ? 6  DG  A N2    1 
ATOM   119 N  N3    . DG  A 1 6 ? -0.672  -4.973  11.229  1.00 25.56 ? 6  DG  A N3    1 
ATOM   120 C  C4    . DG  A 1 6 ? -1.954  -5.416  11.234  1.00 25.66 ? 6  DG  A C4    1 
ATOM   121 O  "O5'" . DC  B 1 1 ? 0.544   6.152   13.380  1.00 42.30 ? 1  DC  B "O5'" 1 
ATOM   122 C  "C5'" . DC  B 1 1 ? 1.888   5.929   13.095  1.00 38.33 ? 1  DC  B "C5'" 1 
ATOM   123 C  "C4'" . DC  B 1 1 ? 2.128   4.459   12.843  1.00 35.14 ? 1  DC  B "C4'" 1 
ATOM   124 O  "O4'" . DC  B 1 1 ? 1.106   3.604   13.395  1.00 33.04 ? 1  DC  B "O4'" 1 
ATOM   125 C  "C3'" . DC  B 1 1 ? 2.133   4.062   11.384  1.00 34.81 ? 1  DC  B "C3'" 1 
ATOM   126 O  "O3'" . DC  B 1 1 ? 3.336   4.553   10.843  1.00 37.74 ? 1  DC  B "O3'" 1 
ATOM   127 C  "C2'" . DC  B 1 1 ? 2.190   2.558   11.517  1.00 33.20 ? 1  DC  B "C2'" 1 
ATOM   128 C  "C1'" . DC  B 1 1 ? 1.213   2.379   12.668  1.00 29.80 ? 1  DC  B "C1'" 1 
ATOM   129 N  N1    . DC  B 1 1 ? -0.179  1.879   12.361  1.00 29.14 ? 1  DC  B N1    1 
ATOM   130 C  C2    . DC  B 1 1 ? -0.344  0.507   12.149  1.00 27.68 ? 1  DC  B C2    1 
ATOM   131 O  O2    . DC  B 1 1 ? 0.656   -0.216  12.128  1.00 26.82 ? 1  DC  B O2    1 
ATOM   132 N  N3    . DC  B 1 1 ? -1.597  0.036   11.909  1.00 26.64 ? 1  DC  B N3    1 
ATOM   133 C  C4    . DC  B 1 1 ? -2.637  0.870   11.923  1.00 25.75 ? 1  DC  B C4    1 
ATOM   134 N  N4    . DC  B 1 1 ? -3.834  0.319   11.681  1.00 27.28 ? 1  DC  B N4    1 
ATOM   135 C  C5    . DC  B 1 1 ? -2.498  2.281   12.133  1.00 27.23 ? 1  DC  B C5    1 
ATOM   136 C  C6    . DC  B 1 1 ? -1.255  2.733   12.373  1.00 28.79 ? 1  DC  B C6    1 
ATOM   137 P  P     . DG  B 1 2 ? 3.434   5.175   9.364   1.00 39.15 ? 2  DG  B P     1 
ATOM   138 O  OP1   . DG  B 1 2 ? 4.767   5.836   9.342   1.00 40.69 ? 2  DG  B OP1   1 
ATOM   139 O  OP2   . DG  B 1 2 ? 2.188   5.946   9.074   1.00 40.25 ? 2  DG  B OP2   1 
ATOM   140 O  "O5'" . DG  B 1 2 ? 3.480   3.895   8.378   1.00 38.05 ? 2  DG  B "O5'" 1 
ATOM   141 C  "C5'" . DG  B 1 2 ? 4.563   2.992   8.432   1.00 35.44 ? 2  DG  B "C5'" 1 
ATOM   142 C  "C4'" . DG  B 1 2 ? 4.748   2.361   7.061   1.00 32.76 ? 2  DG  B "C4'" 1 
ATOM   143 O  "O4'" . DG  B 1 2 ? 3.511   1.735   6.660   1.00 31.51 ? 2  DG  B "O4'" 1 
ATOM   144 C  "C3'" . DG  B 1 2 ? 5.073   3.322   5.924   1.00 32.71 ? 2  DG  B "C3'" 1 
ATOM   145 O  "O3'" . DG  B 1 2 ? 5.841   2.645   4.968   1.00 33.56 ? 2  DG  B "O3'" 1 
ATOM   146 C  "C2'" . DG  B 1 2 ? 3.721   3.584   5.291   1.00 30.74 ? 2  DG  B "C2'" 1 
ATOM   147 C  "C1'" . DG  B 1 2 ? 3.093   2.206   5.380   1.00 27.54 ? 2  DG  B "C1'" 1 
ATOM   148 N  N9    . DG  B 1 2 ? 1.640   2.183   5.354   1.00 26.79 ? 2  DG  B N9    1 
ATOM   149 C  C8    . DG  B 1 2 ? 0.799   3.244   5.501   1.00 25.89 ? 2  DG  B C8    1 
ATOM   150 N  N7    . DG  B 1 2 ? -0.472  2.936   5.446   1.00 27.63 ? 2  DG  B N7    1 
ATOM   151 C  C5    . DG  B 1 2 ? -0.463  1.550   5.273   1.00 25.17 ? 2  DG  B C5    1 
ATOM   152 C  C6    . DG  B 1 2 ? -1.530  0.641   5.156   1.00 26.16 ? 2  DG  B C6    1 
ATOM   153 O  O6    . DG  B 1 2 ? -2.752  0.866   5.209   1.00 26.32 ? 2  DG  B O6    1 
ATOM   154 N  N1    . DG  B 1 2 ? -1.097  -0.660  4.959   1.00 24.76 ? 2  DG  B N1    1 
ATOM   155 C  C2    . DG  B 1 2 ? 0.216   -1.031  4.897   1.00 25.69 ? 2  DG  B C2    1 
ATOM   156 N  N2    . DG  B 1 2 ? 0.431   -2.325  4.688   1.00 25.93 ? 2  DG  B N2    1 
ATOM   157 N  N3    . DG  B 1 2 ? 1.232   -0.193  5.017   1.00 26.17 ? 2  DG  B N3    1 
ATOM   158 C  C4    . DG  B 1 2 ? 0.816   1.089   5.185   1.00 25.78 ? 2  DG  B C4    1 
ATOM   159 P  P     . DA  B 1 3 ? 7.409   2.842   4.768   1.00 33.33 ? 3  DA  B P     1 
ATOM   160 O  OP1   . DA  B 1 3 ? 8.043   2.737   6.089   1.00 37.41 ? 3  DA  B OP1   1 
ATOM   161 O  OP2   . DA  B 1 3 ? 7.610   4.016   3.923   1.00 34.88 ? 3  DA  B OP2   1 
ATOM   162 O  "O5'" . DA  B 1 3 ? 7.817   1.614   3.857   1.00 30.04 ? 3  DA  B "O5'" 1 
ATOM   163 C  "C5'" . DA  B 1 3 ? 7.893   0.330   4.382   1.00 27.71 ? 3  DA  B "C5'" 1 
ATOM   164 C  "C4'" . DA  B 1 3 ? 7.454   -0.675  3.344   1.00 25.18 ? 3  DA  B "C4'" 1 
ATOM   165 O  "O4'" . DA  B 1 3 ? 6.019   -0.633  3.113   1.00 26.42 ? 3  DA  B "O4'" 1 
ATOM   166 C  "C3'" . DA  B 1 3 ? 8.136   -0.549  1.997   1.00 25.49 ? 3  DA  B "C3'" 1 
ATOM   167 O  "O3'" . DA  B 1 3 ? 8.525   -1.865  1.638   1.00 27.53 ? 3  DA  B "O3'" 1 
ATOM   168 C  "C2'" . DA  B 1 3 ? 7.020   -0.016  1.084   1.00 24.58 ? 3  DA  B "C2'" 1 
ATOM   169 C  "C1'" . DA  B 1 3 ? 5.725   -0.476  1.726   1.00 25.13 ? 3  DA  B "C1'" 1 
ATOM   170 N  N9    . DA  B 1 3 ? 4.611   0.443   1.772   1.00 23.98 ? 3  DA  B N9    1 
ATOM   171 C  C8    . DA  B 1 3 ? 4.663   1.788   1.983   1.00 24.69 ? 3  DA  B C8    1 
ATOM   172 N  N7    . DA  B 1 3 ? 3.497   2.370   2.054   1.00 25.16 ? 3  DA  B N7    1 
ATOM   173 C  C5    . DA  B 1 3 ? 2.601   1.320   1.873   1.00 24.71 ? 3  DA  B C5    1 
ATOM   174 C  C6    . DA  B 1 3 ? 1.186   1.257   1.838   1.00 24.45 ? 3  DA  B C6    1 
ATOM   175 N  N6    . DA  B 1 3 ? 0.422   2.350   2.008   1.00 25.05 ? 3  DA  B N6    1 
ATOM   176 N  N1    . DA  B 1 3 ? 0.602   0.068   1.627   1.00 23.79 ? 3  DA  B N1    1 
ATOM   177 C  C2    . DA  B 1 3 ? 1.376   -1.008  1.453   1.00 24.18 ? 3  DA  B C2    1 
ATOM   178 N  N3    . DA  B 1 3 ? 2.714   -1.073  1.476   1.00 24.88 ? 3  DA  B N3    1 
ATOM   179 C  C4    . DA  B 1 3 ? 3.272   0.125   1.707   1.00 23.50 ? 3  DA  B C4    1 
ATOM   180 P  P     . DT  B 1 4 ? 9.175   -2.213  0.220   1.00 28.61 ? 4  DT  B P     1 
ATOM   181 O  OP1   . DT  B 1 4 ? 10.027  -3.391  0.467   1.00 31.57 ? 4  DT  B OP1   1 
ATOM   182 O  OP2   . DT  B 1 4 ? 9.744   -1.007  -0.408  1.00 31.80 ? 4  DT  B OP2   1 
ATOM   183 O  "O5'" . DT  B 1 4 ? 7.923   -2.645  -0.678  1.00 28.92 ? 4  DT  B "O5'" 1 
ATOM   184 C  "C5'" . DT  B 1 4 ? 7.211   -3.868  -0.452  1.00 28.93 ? 4  DT  B "C5'" 1 
ATOM   185 C  "C4'" . DT  B 1 4 ? 5.960   -3.959  -1.314  1.00 29.82 ? 4  DT  B "C4'" 1 
ATOM   186 O  "O4'" . DT  B 1 4 ? 5.028   -2.936  -0.946  1.00 28.97 ? 4  DT  B "O4'" 1 
ATOM   187 C  "C3'" . DT  B 1 4 ? 6.193   -3.702  -2.787  1.00 31.01 ? 4  DT  B "C3'" 1 
ATOM   188 O  "O3'" . DT  B 1 4 ? 6.322   -4.954  -3.386  1.00 35.34 ? 4  DT  B "O3'" 1 
ATOM   189 C  "C2'" . DT  B 1 4 ? 4.952   -2.996  -3.318  1.00 29.42 ? 4  DT  B "C2'" 1 
ATOM   190 C  "C1'" . DT  B 1 4 ? 4.166   -2.702  -2.077  1.00 28.26 ? 4  DT  B "C1'" 1 
ATOM   191 N  N1    . DT  B 1 4 ? 3.674   -1.317  -1.958  1.00 26.71 ? 4  DT  B N1    1 
ATOM   192 C  C2    . DT  B 1 4 ? 2.309   -1.050  -1.892  1.00 26.08 ? 4  DT  B C2    1 
ATOM   193 O  O2    . DT  B 1 4 ? 1.438   -1.885  -1.984  1.00 28.01 ? 4  DT  B O2    1 
ATOM   194 N  N3    . DT  B 1 4 ? 1.996   0.271   -1.723  1.00 26.13 ? 4  DT  B N3    1 
ATOM   195 C  C4    . DT  B 1 4 ? 2.874   1.333   -1.591  1.00 26.12 ? 4  DT  B C4    1 
ATOM   196 O  O4    . DT  B 1 4 ? 2.492   2.484   -1.428  1.00 27.81 ? 4  DT  B O4    1 
ATOM   197 C  C5    . DT  B 1 4 ? 4.272   1.025   -1.665  1.00 26.46 ? 4  DT  B C5    1 
ATOM   198 C  C7    . DT  B 1 4 ? 5.320   2.109   -1.591  1.00 26.73 ? 4  DT  B C7    1 
ATOM   199 C  C6    . DT  B 1 4 ? 4.589   -0.262  -1.828  1.00 24.91 ? 4  DT  B C6    1 
ATOM   200 P  P     . DC  B 1 5 ? 7.133   -5.101  -4.768  1.00 37.26 ? 5  DC  B P     1 
ATOM   201 O  OP1   . DC  B 1 5 ? 7.737   -6.448  -4.728  1.00 39.24 ? 5  DC  B OP1   1 
ATOM   202 O  OP2   . DC  B 1 5 ? 7.902   -3.869  -5.124  1.00 37.60 ? 5  DC  B OP2   1 
ATOM   203 O  "O5'" . DC  B 1 5 ? 5.933   -5.108  -5.823  1.00 36.95 ? 5  DC  B "O5'" 1 
ATOM   204 C  "C5'" . DC  B 1 5 ? 4.880   -6.055  -5.814  1.00 35.15 ? 5  DC  B "C5'" 1 
ATOM   205 C  "C4'" . DC  B 1 5 ? 3.791   -5.505  -6.732  1.00 33.66 ? 5  DC  B "C4'" 1 
ATOM   206 O  "O4'" . DC  B 1 5 ? 3.397   -4.223  -6.188  1.00 33.32 ? 5  DC  B "O4'" 1 
ATOM   207 C  "C3'" . DC  B 1 5 ? 4.195   -5.239  -8.183  1.00 35.35 ? 5  DC  B "C3'" 1 
ATOM   208 O  "O3'" . DC  B 1 5 ? 3.262   -5.816  -9.085  1.00 35.91 ? 5  DC  B "O3'" 1 
ATOM   209 C  "C2'" . DC  B 1 5 ? 4.204   -3.732  -8.345  1.00 34.22 ? 5  DC  B "C2'" 1 
ATOM   210 C  "C1'" . DC  B 1 5 ? 3.295   -3.277  -7.215  1.00 30.98 ? 5  DC  B "C1'" 1 
ATOM   211 N  N1    . DC  B 1 5 ? 3.746   -2.017  -6.647  1.00 29.19 ? 5  DC  B N1    1 
ATOM   212 C  C2    . DC  B 1 5 ? 2.798   -1.125  -6.126  1.00 28.57 ? 5  DC  B C2    1 
ATOM   213 O  O2    . DC  B 1 5 ? 1.602   -1.411  -6.131  1.00 28.97 ? 5  DC  B O2    1 
ATOM   214 N  N3    . DC  B 1 5 ? 3.231   0.042   -5.597  1.00 27.85 ? 5  DC  B N3    1 
ATOM   215 C  C4    . DC  B 1 5 ? 4.526   0.339   -5.593  1.00 28.16 ? 5  DC  B C4    1 
ATOM   216 N  N4    . DC  B 1 5 ? 4.904   1.508   -5.075  1.00 29.31 ? 5  DC  B N4    1 
ATOM   217 C  C5    . DC  B 1 5 ? 5.497   -0.548  -6.108  1.00 29.26 ? 5  DC  B C5    1 
ATOM   218 C  C6    . DC  B 1 5 ? 5.072   -1.705  -6.628  1.00 29.84 ? 5  DC  B C6    1 
ATOM   219 P  P     . DG  B 1 6 ? 3.597   -5.949  -10.654 1.00 36.48 ? 6  DG  B P     1 
ATOM   220 O  OP1   . DG  B 1 6 ? 2.897   -7.186  -11.105 1.00 36.64 ? 6  DG  B OP1   1 
ATOM   221 O  OP2   . DG  B 1 6 ? 5.056   -5.886  -10.888 1.00 37.32 ? 6  DG  B OP2   1 
ATOM   222 O  "O5'" . DG  B 1 6 ? 2.941   -4.647  -11.324 1.00 35.66 ? 6  DG  B "O5'" 1 
ATOM   223 C  "C5'" . DG  B 1 6 ? 1.520   -4.490  -11.352 1.00 33.99 ? 6  DG  B "C5'" 1 
ATOM   224 C  "C4'" . DG  B 1 6 ? 1.037   -3.667  -12.524 1.00 31.03 ? 6  DG  B "C4'" 1 
ATOM   225 O  "O4'" . DG  B 1 6 ? 1.351   -2.295  -12.266 1.00 29.67 ? 6  DG  B "O4'" 1 
ATOM   226 C  "C3'" . DG  B 1 6 ? 1.706   -3.930  -13.852 1.00 30.57 ? 6  DG  B "C3'" 1 
ATOM   227 O  "O3'" . DG  B 1 6 ? 0.801   -4.834  -14.549 1.00 31.69 ? 6  DG  B "O3'" 1 
ATOM   228 C  "C2'" . DG  B 1 6 ? 1.876   -2.551  -14.506 1.00 30.43 ? 6  DG  B "C2'" 1 
ATOM   229 C  "C1'" . DG  B 1 6 ? 1.346   -1.561  -13.465 1.00 27.53 ? 6  DG  B "C1'" 1 
ATOM   230 N  N9    . DG  B 1 6 ? 2.205   -0.428  -13.126 1.00 27.51 ? 6  DG  B N9    1 
ATOM   231 C  C8    . DG  B 1 6 ? 3.573   -0.381  -13.182 1.00 27.89 ? 6  DG  B C8    1 
ATOM   232 N  N7    . DG  B 1 6 ? 4.064   0.769   -12.781 1.00 27.84 ? 6  DG  B N7    1 
ATOM   233 C  C5    . DG  B 1 6 ? 2.970   1.538   -12.452 1.00 27.88 ? 6  DG  B C5    1 
ATOM   234 C  C6    . DG  B 1 6 ? 2.874   2.853   -11.938 1.00 27.38 ? 6  DG  B C6    1 
ATOM   235 O  O6    . DG  B 1 6 ? 3.810   3.650   -11.694 1.00 27.63 ? 6  DG  B O6    1 
ATOM   236 N  N1    . DG  B 1 6 ? 1.555   3.254   -11.700 1.00 26.04 ? 6  DG  B N1    1 
ATOM   237 C  C2    . DG  B 1 6 ? 0.443   2.470   -11.949 1.00 26.23 ? 6  DG  B C2    1 
ATOM   238 N  N2    . DG  B 1 6 ? -0.780  2.979   -11.703 1.00 26.36 ? 6  DG  B N2    1 
ATOM   239 N  N3    . DG  B 1 6 ? 0.546   1.216   -12.402 1.00 26.67 ? 6  DG  B N3    1 
ATOM   240 C  C4    . DG  B 1 6 ? 1.817   0.813   -12.635 1.00 26.87 ? 6  DG  B C4    1 
HETATM 241 C  C1    . EL  C 2 . ? -1.385  2.330   8.785   1.00 30.60 ? 41 EL  A C1    1 
HETATM 242 C  C2    . EL  C 2 . ? -0.008  2.094   8.650   1.00 32.66 ? 41 EL  A C2    1 
HETATM 243 C  C3    . EL  C 2 . ? 0.467   0.785   8.469   1.00 30.66 ? 41 EL  A C3    1 
HETATM 244 C  C4    . EL  C 2 . ? -0.446  -0.263  8.382   1.00 30.14 ? 41 EL  A C4    1 
HETATM 245 C  C5    . EL  C 2 . ? -1.796  -0.011  8.513   1.00 29.01 ? 41 EL  A C5    1 
HETATM 246 C  C6    . EL  C 2 . ? -2.305  1.265   8.710   1.00 31.83 ? 41 EL  A C6    1 
HETATM 247 N  N7    . EL  C 2 . ? -0.308  -1.615  8.228   1.00 29.16 ? 41 EL  A N7    1 
HETATM 248 C  C8    . EL  C 2 . ? -1.506  -2.256  8.223   1.00 28.15 ? 41 EL  A C8    1 
HETATM 249 C  C9    . EL  C 2 . ? -2.486  -1.292  8.411   1.00 27.52 ? 41 EL  A C9    1 
HETATM 250 C  C10   . EL  C 2 . ? -1.868  -3.581  8.072   1.00 27.94 ? 41 EL  A C10   1 
HETATM 251 C  C11   . EL  C 2 . ? -0.780  -4.602  7.860   1.00 28.85 ? 41 EL  A C11   1 
HETATM 252 C  C12   . EL  C 2 . ? -3.222  -3.919  8.127   1.00 28.58 ? 41 EL  A C12   1 
HETATM 253 C  C13   . EL  C 2 . ? -4.206  -2.929  8.323   1.00 28.18 ? 41 EL  A C13   1 
HETATM 254 C  C14   . EL  C 2 . ? -3.830  -1.591  8.469   1.00 28.27 ? 41 EL  A C14   1 
HETATM 255 C  C15   . EL  C 2 . ? -4.845  -0.494  8.660   1.00 28.60 ? 41 EL  A C15   1 
HETATM 256 C  C16   . EL  C 2 . ? -3.607  -5.254  8.015   1.00 28.38 ? 41 EL  A C16   1 
HETATM 257 C  C17   . EL  C 2 . ? -4.966  -5.566  8.065   1.00 28.89 ? 41 EL  A C17   1 
HETATM 258 N  N18   . EL  C 2 . ? -5.901  -4.602  8.240   1.00 29.00 ? 41 EL  A N18   1 
HETATM 259 C  C19   . EL  C 2 . ? -5.556  -3.308  8.379   1.00 28.74 ? 41 EL  A C19   1 
HETATM 260 CO CO    . CO  D 3 . ? 2.668   6.716   -2.304  1.00 51.36 ? 32 CO  A CO    1 
HETATM 261 C  C1    . EL  E 2 . ? 1.355   6.461   -6.618  1.00 34.23 ? 42 EL  B C1    1 
HETATM 262 C  C2    . EL  E 2 . ? -0.039  6.244   -6.613  1.00 32.76 ? 42 EL  B C2    1 
HETATM 263 C  C3    . EL  E 2 . ? -0.503  5.013   -7.133  1.00 32.02 ? 42 EL  B C3    1 
HETATM 264 C  C4    . EL  E 2 . ? 0.375   4.018   -7.594  1.00 29.83 ? 42 EL  B C4    1 
HETATM 265 C  C5    . EL  E 2 . ? 1.745   4.251   -7.583  1.00 28.22 ? 42 EL  B C5    1 
HETATM 266 C  C6    . EL  E 2 . ? 2.241   5.472   -7.082  1.00 31.09 ? 42 EL  B C6    1 
HETATM 267 N  N7    . EL  E 2 . ? 0.215   2.755   -8.128  1.00 27.92 ? 42 EL  B N7    1 
HETATM 268 C  C8    . EL  E 2 . ? 1.382   2.154   -8.453  1.00 26.25 ? 42 EL  B C8    1 
HETATM 269 C  C9    . EL  E 2 . ? 2.406   3.044   -8.131  1.00 26.52 ? 42 EL  B C9    1 
HETATM 270 C  C10   . EL  E 2 . ? 1.681   0.912   -8.983  1.00 25.30 ? 42 EL  B C10   1 
HETATM 271 C  C11   . EL  E 2 . ? 0.535   -0.019  -9.314  1.00 27.08 ? 42 EL  B C11   1 
HETATM 272 C  C12   . EL  E 2 . ? 3.014   0.583   -9.222  1.00 24.54 ? 42 EL  B C12   1 
HETATM 273 C  C13   . EL  E 2 . ? 4.041   1.491   -8.900  1.00 24.94 ? 42 EL  B C13   1 
HETATM 274 C  C14   . EL  E 2 . ? 3.739   2.747   -8.348  1.00 25.25 ? 42 EL  B C14   1 
HETATM 275 C  C15   . EL  E 2 . ? 4.818   3.733   -7.972  1.00 26.28 ? 42 EL  B C15   1 
HETATM 276 C  C16   . EL  E 2 . ? 3.351   -0.648  -9.791  1.00 24.80 ? 42 EL  B C16   1 
HETATM 277 C  C17   . EL  E 2 . ? 4.701   -0.949  -10.001 1.00 25.33 ? 42 EL  B C17   1 
HETATM 278 N  N18   . EL  E 2 . ? 5.690   -0.076  -9.696  1.00 26.24 ? 42 EL  B N18   1 
HETATM 279 C  C19   . EL  E 2 . ? 5.379   1.123   -9.153  1.00 25.65 ? 42 EL  B C19   1 
HETATM 280 CO CO    . CO  F 3 . ? -2.399  4.551   5.333   1.00 44.85 ? 31 CO  B CO    1 
HETATM 281 CO CO    . CO  G 3 . ? 10.665  5.432   7.918   1.00 37.68 ? 33 CO  B CO    1 
HETATM 282 O  O     . HOH H 4 . ? -0.921  5.935   0.419   1.00 35.19 ? 42 HOH A O     1 
HETATM 283 O  O     . HOH H 4 . ? -6.415  9.096   -7.068  1.00 38.29 ? 43 HOH A O     1 
HETATM 284 O  O     . HOH H 4 . ? -6.474  -8.391  8.136   1.00 42.35 ? 44 HOH A O     1 
HETATM 285 O  O     . HOH H 4 . ? -6.042  -1.724  13.192  1.00 31.40 ? 45 HOH A O     1 
HETATM 286 O  O     . HOH H 4 . ? -7.776  3.826   0.633   1.00 43.12 ? 46 HOH A O     1 
HETATM 287 O  O     . HOH H 4 . ? -7.063  -5.276  11.392  1.00 37.82 ? 47 HOH A O     1 
HETATM 288 O  O     . HOH H 4 . ? -7.565  -0.049  5.384   1.00 43.94 ? 48 HOH A O     1 
HETATM 289 O  O     . HOH H 4 . ? -5.919  -9.163  11.074  1.00 41.41 ? 49 HOH A O     1 
HETATM 290 O  O     . HOH H 4 . ? -3.434  5.187   0.767   1.00 44.45 ? 50 HOH A O     1 
HETATM 291 O  O     . HOH H 4 . ? -5.813  6.740   0.146   1.00 51.89 ? 51 HOH A O     1 
HETATM 292 O  O     . HOH H 4 . ? -4.573  8.809   -0.712  1.00 50.26 ? 52 HOH A O     1 
HETATM 293 O  O     . HOH H 4 . ? -7.571  -2.287  11.605  1.00 50.00 ? 53 HOH A O     1 
HETATM 294 O  O     . HOH H 4 . ? -8.228  -9.621  4.144   1.00 55.05 ? 54 HOH A O     1 
HETATM 295 O  O     . HOH I 4 . ? 0.878   5.306   2.250   1.00 34.79 ? 43 HOH B O     1 
HETATM 296 O  O     . HOH I 4 . ? 8.107   -0.110  -2.957  1.00 39.25 ? 44 HOH B O     1 
HETATM 297 O  O     . HOH I 4 . ? 2.861   -9.018  -8.502  1.00 38.44 ? 45 HOH B O     1 
HETATM 298 O  O     . HOH I 4 . ? 6.595   4.544   10.330  1.00 39.42 ? 46 HOH B O     1 
HETATM 299 O  O     . HOH I 4 . ? 1.515   6.622   6.129   1.00 41.27 ? 47 HOH B O     1 
HETATM 300 O  O     . HOH I 4 . ? 9.831   -6.378  -0.097  1.00 45.15 ? 48 HOH B O     1 
HETATM 301 O  O     . HOH I 4 . ? 6.829   1.008   -12.582 1.00 37.00 ? 49 HOH B O     1 
HETATM 302 O  O     . HOH I 4 . ? 7.997   -0.151  -10.487 1.00 49.94 ? 50 HOH B O     1 
HETATM 303 O  O     . HOH I 4 . ? 8.220   -7.523  -1.234  1.00 50.83 ? 51 HOH B O     1 
HETATM 304 O  O     . HOH I 4 . ? 5.974   4.818   -12.544 1.00 31.02 ? 52 HOH B O     1 
HETATM 305 O  O     . HOH I 4 . ? 10.246  -0.473  -12.788 1.00 52.37 ? 53 HOH B O     1 
HETATM 306 O  O     . HOH I 4 . ? 6.824   4.308   -4.614  1.00 48.99 ? 54 HOH B O     1 
HETATM 307 O  O     . HOH I 4 . ? -1.265  2.372   15.496  1.00 40.23 ? 55 HOH B O     1 
HETATM 308 O  O     . HOH I 4 . ? 8.070   -3.116  -8.155  1.00 57.08 ? 56 HOH B O     1 
# 
loop_
_atom_site_anisotrop.id 
_atom_site_anisotrop.type_symbol 
_atom_site_anisotrop.pdbx_label_atom_id 
_atom_site_anisotrop.pdbx_label_alt_id 
_atom_site_anisotrop.pdbx_label_comp_id 
_atom_site_anisotrop.pdbx_label_asym_id 
_atom_site_anisotrop.pdbx_label_seq_id 
_atom_site_anisotrop.pdbx_PDB_ins_code 
_atom_site_anisotrop.U[1][1] 
_atom_site_anisotrop.U[2][2] 
_atom_site_anisotrop.U[3][3] 
_atom_site_anisotrop.U[1][2] 
_atom_site_anisotrop.U[1][3] 
_atom_site_anisotrop.U[2][3] 
_atom_site_anisotrop.pdbx_auth_seq_id 
_atom_site_anisotrop.pdbx_auth_comp_id 
_atom_site_anisotrop.pdbx_auth_asym_id 
_atom_site_anisotrop.pdbx_auth_atom_id 
1   O  "O5'" . DC  A 1 ? 0.4914 0.5014 0.5230 0.0063  -0.0046 0.0014  1  DC  A "O5'" 
2   C  "C5'" . DC  A 1 ? 0.4644 0.4396 0.4728 -0.0059 -0.0049 -0.0052 1  DC  A "C5'" 
3   C  "C4'" . DC  A 1 ? 0.4231 0.4134 0.4265 -0.0012 0.0028  0.0033  1  DC  A "C4'" 
4   O  "O4'" . DC  A 1 ? 0.4184 0.3826 0.4387 -0.0018 -0.0139 0.0069  1  DC  A "O4'" 
5   C  "C3'" . DC  A 1 ? 0.4544 0.4156 0.4357 0.0023  -0.0001 -0.0048 1  DC  A "C3'" 
6   O  "O3'" . DC  A 1 ? 0.4630 0.4471 0.4858 0.0041  0.0084  -0.0007 1  DC  A "O3'" 
7   C  "C2'" . DC  A 1 ? 0.4283 0.4091 0.4176 0.0005  0.0020  -0.0024 1  DC  A "C2'" 
8   C  "C1'" . DC  A 1 ? 0.3754 0.3638 0.4037 0.0083  -0.0064 -0.0049 1  DC  A "C1'" 
9   N  N1    . DC  A 1 ? 0.3725 0.3592 0.4009 0.0045  -0.0236 -0.0010 1  DC  A N1    
10  C  C2    . DC  A 1 ? 0.3596 0.3579 0.3685 0.0166  -0.0199 -0.0020 1  DC  A C2    
11  O  O2    . DC  A 1 ? 0.3697 0.3531 0.3352 0.0144  -0.0290 -0.0094 1  DC  A O2    
12  N  N3    . DC  A 1 ? 0.3454 0.3403 0.3494 0.0102  -0.0239 0.0066  1  DC  A N3    
13  C  C4    . DC  A 1 ? 0.3503 0.3238 0.3523 0.0016  -0.0107 0.0051  1  DC  A C4    
14  N  N4    . DC  A 1 ? 0.3582 0.3319 0.3610 0.0076  -0.0194 0.0097  1  DC  A N4    
15  C  C5    . DC  A 1 ? 0.3678 0.3454 0.3649 0.0026  0.0001  -0.0186 1  DC  A C5    
16  C  C6    . DC  A 1 ? 0.3732 0.3664 0.3867 0.0001  -0.0148 -0.0053 1  DC  A C6    
17  P  P     . DG  A 2 ? 0.5033 0.4388 0.4966 -0.0035 0.0056  -0.0055 2  DG  A P     
18  O  OP1   . DG  A 2 ? 0.5059 0.5104 0.5300 0.0162  0.0195  -0.0085 2  DG  A OP1   
19  O  OP2   . DG  A 2 ? 0.5187 0.4870 0.5205 -0.0279 -0.0027 -0.0167 2  DG  A OP2   
20  O  "O5'" . DG  A 2 ? 0.5014 0.4459 0.4925 -0.0037 -0.0036 0.0069  2  DG  A "O5'" 
21  C  "C5'" . DG  A 2 ? 0.4497 0.4337 0.4527 -0.0116 0.0064  0.0162  2  DG  A "C5'" 
22  C  "C4'" . DG  A 2 ? 0.4130 0.3955 0.4237 0.0048  -0.0014 0.0014  2  DG  A "C4'" 
23  O  "O4'" . DG  A 2 ? 0.3946 0.3816 0.4061 -0.0006 -0.0181 0.0104  2  DG  A "O4'" 
24  C  "C3'" . DG  A 2 ? 0.4038 0.3911 0.4185 0.0005  0.0036  0.0083  2  DG  A "C3'" 
25  O  "O3'" . DG  A 2 ? 0.4332 0.3941 0.4193 -0.0029 0.0143  0.0079  2  DG  A "O3'" 
26  C  "C2'" . DG  A 2 ? 0.3940 0.3448 0.3916 0.0122  -0.0105 -0.0031 2  DG  A "C2'" 
27  C  "C1'" . DG  A 2 ? 0.3476 0.3401 0.3383 0.0008  -0.0061 0.0002  2  DG  A "C1'" 
28  N  N9    . DG  A 2 ? 0.3479 0.3104 0.3293 -0.0071 -0.0232 -0.0019 2  DG  A N9    
29  C  C8    . DG  A 2 ? 0.3350 0.3196 0.3327 -0.0138 -0.0177 -0.0026 2  DG  A C8    
30  N  N7    . DG  A 2 ? 0.3674 0.3298 0.3602 -0.0050 -0.0104 -0.0190 2  DG  A N7    
31  C  C5    . DG  A 2 ? 0.3447 0.3054 0.3275 -0.0090 -0.0274 -0.0036 2  DG  A C5    
32  C  C6    . DG  A 2 ? 0.3359 0.3325 0.3243 -0.0105 -0.0082 0.0055  2  DG  A C6    
33  O  O6    . DG  A 2 ? 0.3448 0.3079 0.3276 -0.0060 -0.0294 -0.0046 2  DG  A O6    
34  N  N1    . DG  A 2 ? 0.3222 0.3235 0.2904 -0.0053 -0.0267 0.0028  2  DG  A N1    
35  C  C2    . DG  A 2 ? 0.3090 0.3349 0.3037 -0.0033 -0.0126 -0.0050 2  DG  A C2    
36  N  N2    . DG  A 2 ? 0.3276 0.3140 0.3068 -0.0060 -0.0248 -0.0029 2  DG  A N2    
37  N  N3    . DG  A 2 ? 0.3441 0.3068 0.3189 -0.0014 -0.0180 -0.0022 2  DG  A N3    
38  C  C4    . DG  A 2 ? 0.3350 0.3289 0.3244 0.0049  -0.0145 0.0023  2  DG  A C4    
39  P  P     . DA  A 3 ? 0.4271 0.4031 0.4417 0.0293  0.0140  -0.0035 3  DA  A P     
40  O  OP1   . DA  A 3 ? 0.4716 0.4424 0.4836 0.0256  -0.0169 -0.0189 3  DA  A OP1   
41  O  OP2   . DA  A 3 ? 0.4629 0.4335 0.4269 0.0288  -0.0026 -0.0003 3  DA  A OP2   
42  O  "O5'" . DA  A 3 ? 0.3946 0.3764 0.3577 0.0210  0.0016  0.0137  3  DA  A "O5'" 
43  C  "C5'" . DA  A 3 ? 0.3548 0.3638 0.3639 0.0115  -0.0071 0.0028  3  DA  A "C5'" 
44  C  "C4'" . DA  A 3 ? 0.3186 0.3454 0.3461 0.0040  -0.0180 -0.0057 3  DA  A "C4'" 
45  O  "O4'" . DA  A 3 ? 0.3085 0.3523 0.3413 0.0028  -0.0191 -0.0140 3  DA  A "O4'" 
46  C  "C3'" . DA  A 3 ? 0.3267 0.3570 0.3468 -0.0042 -0.0310 -0.0084 3  DA  A "C3'" 
47  O  "O3'" . DA  A 3 ? 0.3435 0.3663 0.3758 0.0073  -0.0448 -0.0120 3  DA  A "O3'" 
48  C  "C2'" . DA  A 3 ? 0.2972 0.3457 0.3285 -0.0036 -0.0248 -0.0217 3  DA  A "C2'" 
49  C  "C1'" . DA  A 3 ? 0.3040 0.3097 0.3129 -0.0130 -0.0212 -0.0112 3  DA  A "C1'" 
50  N  N9    . DA  A 3 ? 0.2996 0.2972 0.3303 0.0016  -0.0247 -0.0114 3  DA  A N9    
51  C  C8    . DA  A 3 ? 0.3032 0.3063 0.3204 0.0016  -0.0333 -0.0055 3  DA  A C8    
52  N  N7    . DA  A 3 ? 0.3139 0.3302 0.3268 -0.0065 -0.0151 0.0037  3  DA  A N7    
53  C  C5    . DA  A 3 ? 0.3081 0.3120 0.3166 -0.0082 -0.0308 -0.0052 3  DA  A C5    
54  C  C6    . DA  A 3 ? 0.2920 0.3105 0.3121 -0.0090 -0.0309 -0.0010 3  DA  A C6    
55  N  N6    . DA  A 3 ? 0.3182 0.3086 0.3152 -0.0156 -0.0139 -0.0102 3  DA  A N6    
56  N  N1    . DA  A 3 ? 0.2896 0.3217 0.3045 -0.0123 -0.0368 -0.0024 3  DA  A N1    
57  C  C2    . DA  A 3 ? 0.3087 0.3053 0.3237 -0.0043 -0.0260 -0.0087 3  DA  A C2    
58  N  N3    . DA  A 3 ? 0.3027 0.3335 0.3210 0.0031  -0.0341 -0.0019 3  DA  A N3    
59  C  C4    . DA  A 3 ? 0.2896 0.3045 0.3042 -0.0082 -0.0254 -0.0042 3  DA  A C4    
60  P  P     . DT  A 4 ? 0.3235 0.3771 0.4021 -0.0220 -0.0531 -0.0136 4  DT  A P     
61  O  OP1   . DT  A 4 ? 0.3882 0.3768 0.4047 -0.0178 -0.0355 -0.0251 4  DT  A OP1   
62  O  OP2   . DT  A 4 ? 0.3906 0.4078 0.4101 -0.0065 -0.0169 0.0007  4  DT  A OP2   
63  O  "O5'" . DT  A 4 ? 0.3511 0.3618 0.3893 0.0003  -0.0340 0.0092  4  DT  A "O5'" 
64  C  "C5'" . DT  A 4 ? 0.3270 0.3496 0.3577 -0.0262 -0.0468 -0.0296 4  DT  A "C5'" 
65  C  "C4'" . DT  A 4 ? 0.3520 0.3486 0.3717 -0.0033 -0.0383 -0.0054 4  DT  A "C4'" 
66  O  "O4'" . DT  A 4 ? 0.3477 0.3790 0.3663 -0.0074 -0.0347 0.0096  4  DT  A "O4'" 
67  C  "C3'" . DT  A 4 ? 0.3601 0.3916 0.3888 0.0008  -0.0338 -0.0075 4  DT  A "C3'" 
68  O  "O3'" . DT  A 4 ? 0.4372 0.4339 0.4448 0.0039  -0.0301 0.0102  4  DT  A "O3'" 
69  C  "C2'" . DT  A 4 ? 0.3469 0.3544 0.3848 -0.0009 -0.0356 0.0104  4  DT  A "C2'" 
70  C  "C1'" . DT  A 4 ? 0.3392 0.3535 0.3516 0.0201  -0.0377 0.0091  4  DT  A "C1'" 
71  N  N1    . DT  A 4 ? 0.3275 0.3497 0.3566 0.0256  -0.0246 0.0082  4  DT  A N1    
72  C  C2    . DT  A 4 ? 0.3223 0.3179 0.3268 0.0210  -0.0253 0.0125  4  DT  A C2    
73  O  O2    . DT  A 4 ? 0.3351 0.3688 0.3576 0.0318  -0.0287 0.0060  4  DT  A O2    
74  N  N3    . DT  A 4 ? 0.3428 0.3054 0.2951 0.0214  -0.0472 0.0224  4  DT  A N3    
75  C  C4    . DT  A 4 ? 0.3223 0.3510 0.3071 0.0124  -0.0343 0.0042  4  DT  A C4    
76  O  O4    . DT  A 4 ? 0.3444 0.3367 0.3580 0.0401  -0.0444 0.0177  4  DT  A O4    
77  C  C5    . DT  A 4 ? 0.3043 0.3358 0.3346 0.0189  -0.0275 0.0005  4  DT  A C5    
78  C  C7    . DT  A 4 ? 0.2703 0.3467 0.3275 0.0248  -0.0423 0.0037  4  DT  A C7    
79  C  C6    . DT  A 4 ? 0.3061 0.3225 0.3232 0.0335  -0.0217 0.0064  4  DT  A C6    
80  P  P     . DC  A 5 ? 0.4487 0.4247 0.5006 -0.0168 -0.0284 0.0275  5  DC  A P     
81  O  OP1   . DC  A 5 ? 0.4795 0.4560 0.5016 -0.0042 -0.0205 -0.0087 5  DC  A OP1   
82  O  OP2   . DC  A 5 ? 0.4552 0.4685 0.4789 -0.0006 0.0016  0.0352  5  DC  A OP2   
83  O  "O5'" . DC  A 5 ? 0.4332 0.4354 0.4785 0.0025  -0.0264 0.0122  5  DC  A "O5'" 
84  C  "C5'" . DC  A 5 ? 0.4187 0.4071 0.4445 -0.0038 -0.0213 -0.0070 5  DC  A "C5'" 
85  C  "C4'" . DC  A 5 ? 0.4102 0.3959 0.4303 -0.0028 -0.0183 -0.0080 5  DC  A "C4'" 
86  O  "O4'" . DC  A 5 ? 0.4058 0.3880 0.4093 -0.0043 0.0005  0.0000  5  DC  A "O4'" 
87  C  "C3'" . DC  A 5 ? 0.4344 0.4199 0.4431 -0.0027 -0.0113 -0.0091 5  DC  A "C3'" 
88  O  "O3'" . DC  A 5 ? 0.4358 0.4596 0.4827 0.0076  -0.0147 -0.0071 5  DC  A "O3'" 
89  C  "C2'" . DC  A 5 ? 0.4257 0.4115 0.4126 -0.0096 0.0029  0.0002  5  DC  A "C2'" 
90  C  "C1'" . DC  A 5 ? 0.3943 0.3710 0.3896 -0.0003 -0.0077 -0.0032 5  DC  A "C1'" 
91  N  N1    . DC  A 5 ? 0.3843 0.3615 0.3559 0.0024  -0.0077 -0.0040 5  DC  A N1    
92  C  C2    . DC  A 5 ? 0.3716 0.3733 0.3488 -0.0076 -0.0030 -0.0056 5  DC  A C2    
93  O  O2    . DC  A 5 ? 0.3669 0.3812 0.3596 0.0154  -0.0447 -0.0101 5  DC  A O2    
94  N  N3    . DC  A 5 ? 0.3733 0.3656 0.3055 0.0054  -0.0163 0.0097  5  DC  A N3    
95  C  C4    . DC  A 5 ? 0.3705 0.3687 0.3402 0.0059  -0.0050 0.0054  5  DC  A C4    
96  N  N4    . DC  A 5 ? 0.3852 0.3649 0.3626 0.0059  -0.0041 0.0042  5  DC  A N4    
97  C  C5    . DC  A 5 ? 0.3757 0.3690 0.3889 0.0118  -0.0089 -0.0025 5  DC  A C5    
98  C  C6    . DC  A 5 ? 0.3902 0.3672 0.3893 -0.0067 -0.0036 0.0026  5  DC  A C6    
99  P  P     . DG  A 6 ? 0.4824 0.4391 0.5085 0.0157  -0.0252 -0.0066 6  DG  A P     
100 O  OP1   . DG  A 6 ? 0.4844 0.4787 0.5475 0.0272  -0.0115 0.0007  6  DG  A OP1   
101 O  OP2   . DG  A 6 ? 0.5020 0.5167 0.5319 0.0126  -0.0081 0.0064  6  DG  A OP2   
102 O  "O5'" . DG  A 6 ? 0.4353 0.4378 0.4755 0.0184  -0.0289 -0.0122 6  DG  A "O5'" 
103 C  "C5'" . DG  A 6 ? 0.4262 0.4123 0.4432 0.0175  -0.0097 -0.0057 6  DG  A "C5'" 
104 C  "C4'" . DG  A 6 ? 0.4086 0.3593 0.4165 0.0193  0.0000  -0.0130 6  DG  A "C4'" 
105 O  "O4'" . DG  A 6 ? 0.3878 0.3382 0.3968 0.0381  -0.0139 0.0103  6  DG  A "O4'" 
106 C  "C3'" . DG  A 6 ? 0.4013 0.3662 0.4058 0.0182  -0.0149 0.0001  6  DG  A "C3'" 
107 O  "O3'" . DG  A 6 ? 0.4425 0.3871 0.4757 0.0210  -0.0268 0.0064  6  DG  A "O3'" 
108 C  "C2'" . DG  A 6 ? 0.3982 0.3563 0.3963 0.0077  -0.0051 0.0107  6  DG  A "C2'" 
109 C  "C1'" . DG  A 6 ? 0.3531 0.3225 0.3630 0.0177  -0.0166 0.0007  6  DG  A "C1'" 
110 N  N9    . DG  A 6 ? 0.3356 0.3310 0.3526 0.0169  -0.0221 -0.0017 6  DG  A N9    
111 C  C8    . DG  A 6 ? 0.3455 0.3397 0.3648 0.0159  -0.0163 0.0018  6  DG  A C8    
112 N  N7    . DG  A 6 ? 0.3529 0.3091 0.3737 0.0177  -0.0149 0.0055  6  DG  A N7    
113 C  C5    . DG  A 6 ? 0.3422 0.3334 0.3336 0.0189  -0.0244 0.0042  6  DG  A C5    
114 C  C6    . DG  A 6 ? 0.3535 0.3349 0.3266 0.0216  -0.0103 -0.0096 6  DG  A C6    
115 O  O6    . DG  A 6 ? 0.3527 0.3431 0.3622 0.0168  -0.0179 -0.0122 6  DG  A O6    
116 N  N1    . DG  A 6 ? 0.3415 0.3209 0.3119 0.0231  -0.0207 0.0099  6  DG  A N1    
117 C  C2    . DG  A 6 ? 0.3468 0.3102 0.3333 0.0186  -0.0084 0.0046  6  DG  A C2    
118 N  N2    . DG  A 6 ? 0.3535 0.3038 0.3224 0.0263  -0.0221 0.0012  6  DG  A N2    
119 N  N3    . DG  A 6 ? 0.3406 0.2949 0.3355 0.0318  -0.0240 0.0066  6  DG  A N3    
120 C  C4    . DG  A 6 ? 0.3349 0.3078 0.3321 0.0238  -0.0246 0.0106  6  DG  A C4    
121 O  "O5'" . DC  B 1 ? 0.5225 0.5383 0.5464 -0.0102 0.0058  -0.0007 1  DC  B "O5'" 
122 C  "C5'" . DC  B 1 ? 0.4923 0.4716 0.4921 -0.0001 -0.0043 -0.0053 1  DC  B "C5'" 
123 C  "C4'" . DC  B 1 ? 0.4542 0.4421 0.4389 -0.0123 0.0061  -0.0071 1  DC  B "C4'" 
124 O  "O4'" . DC  B 1 ? 0.4245 0.3959 0.4350 0.0048  -0.0156 -0.0290 1  DC  B "O4'" 
125 C  "C3'" . DC  B 1 ? 0.4600 0.4240 0.4385 -0.0062 0.0021  -0.0129 1  DC  B "C3'" 
126 O  "O3'" . DC  B 1 ? 0.4832 0.4630 0.4876 -0.0218 0.0023  -0.0257 1  DC  B "O3'" 
127 C  "C2'" . DC  B 1 ? 0.4314 0.4094 0.4204 -0.0142 -0.0007 -0.0160 1  DC  B "C2'" 
128 C  "C1'" . DC  B 1 ? 0.3784 0.3609 0.3927 -0.0111 -0.0143 -0.0226 1  DC  B "C1'" 
129 N  N1    . DC  B 1 ? 0.3666 0.3569 0.3836 0.0081  -0.0299 -0.0195 1  DC  B N1    
130 C  C2    . DC  B 1 ? 0.3489 0.3497 0.3530 -0.0034 -0.0246 -0.0087 1  DC  B C2    
131 O  O2    . DC  B 1 ? 0.3569 0.3224 0.3395 0.0110  -0.0437 0.0049  1  DC  B O2    
132 N  N3    . DC  B 1 ? 0.3435 0.3464 0.3220 0.0030  -0.0293 -0.0057 1  DC  B N3    
133 C  C4    . DC  B 1 ? 0.3418 0.3044 0.3323 0.0093  -0.0168 -0.0115 1  DC  B C4    
134 N  N4    . DC  B 1 ? 0.3543 0.3248 0.3574 0.0055  -0.0184 -0.0098 1  DC  B N4    
135 C  C5    . DC  B 1 ? 0.3629 0.3125 0.3593 0.0024  -0.0135 -0.0001 1  DC  B C5    
136 C  C6    . DC  B 1 ? 0.3651 0.3485 0.3803 0.0118  -0.0192 -0.0054 1  DC  B C6    
137 P  P     . DG  B 2 ? 0.5152 0.4699 0.5023 -0.0114 -0.0051 -0.0213 2  DG  B P     
138 O  OP1   . DG  B 2 ? 0.5170 0.5031 0.5256 -0.0276 0.0026  -0.0049 2  DG  B OP1   
139 O  OP2   . DG  B 2 ? 0.5231 0.4921 0.5138 0.0116  0.0068  -0.0002 2  DG  B OP2   
140 O  "O5'" . DG  B 2 ? 0.5050 0.4688 0.4719 0.0010  0.0016  -0.0199 2  DG  B "O5'" 
141 C  "C5'" . DG  B 2 ? 0.4590 0.4505 0.4371 0.0030  0.0098  -0.0213 2  DG  B "C5'" 
142 C  "C4'" . DG  B 2 ? 0.4190 0.4161 0.4093 -0.0053 -0.0029 -0.0118 2  DG  B "C4'" 
143 O  "O4'" . DG  B 2 ? 0.3958 0.4058 0.3954 0.0101  -0.0105 -0.0010 2  DG  B "O4'" 
144 C  "C3'" . DG  B 2 ? 0.4164 0.4133 0.4130 -0.0016 0.0024  -0.0145 2  DG  B "C3'" 
145 O  "O3'" . DG  B 2 ? 0.4341 0.4199 0.4209 -0.0043 0.0122  -0.0208 2  DG  B "O3'" 
146 C  "C2'" . DG  B 2 ? 0.4102 0.3705 0.3872 -0.0059 -0.0158 -0.0158 2  DG  B "C2'" 
147 C  "C1'" . DG  B 2 ? 0.3589 0.3519 0.3353 0.0020  -0.0005 0.0002  2  DG  B "C1'" 
148 N  N9    . DG  B 2 ? 0.3643 0.3263 0.3270 0.0082  -0.0056 -0.0021 2  DG  B N9    
149 C  C8    . DG  B 2 ? 0.3366 0.3219 0.3250 0.0183  -0.0008 0.0027  2  DG  B C8    
150 N  N7    . DG  B 2 ? 0.3674 0.3260 0.3565 0.0036  -0.0092 -0.0008 2  DG  B N7    
151 C  C5    . DG  B 2 ? 0.3432 0.3040 0.3090 0.0210  -0.0188 -0.0042 2  DG  B C5    
152 C  C6    . DG  B 2 ? 0.3426 0.3361 0.3152 0.0138  -0.0050 -0.0003 2  DG  B C6    
153 O  O6    . DG  B 2 ? 0.3499 0.3306 0.3194 0.0223  -0.0187 0.0056  2  DG  B O6    
154 N  N1    . DG  B 2 ? 0.3317 0.3221 0.2867 0.0189  -0.0190 0.0052  2  DG  B N1    
155 C  C2    . DG  B 2 ? 0.3375 0.3305 0.3078 0.0073  -0.0004 0.0116  2  DG  B C2    
156 N  N2    . DG  B 2 ? 0.3536 0.3213 0.3103 0.0163  -0.0088 0.0026  2  DG  B N2    
157 N  N3    . DG  B 2 ? 0.3640 0.3165 0.3138 0.0188  -0.0211 -0.0014 2  DG  B N3    
158 C  C4    . DG  B 2 ? 0.3378 0.3300 0.3115 0.0041  -0.0098 -0.0089 2  DG  B C4    
159 P  P     . DA  B 3 ? 0.4234 0.4034 0.4397 -0.0381 0.0025  -0.0198 3  DA  B P     
160 O  OP1   . DA  B 3 ? 0.4720 0.4610 0.4884 -0.0203 -0.0149 -0.0050 3  DA  B OP1   
161 O  OP2   . DA  B 3 ? 0.4679 0.4229 0.4344 -0.0316 -0.0103 -0.0073 3  DA  B OP2   
162 O  "O5'" . DA  B 3 ? 0.4076 0.3850 0.3487 -0.0281 -0.0038 -0.0027 3  DA  B "O5'" 
163 C  "C5'" . DA  B 3 ? 0.3502 0.3536 0.3489 0.0011  -0.0215 -0.0038 3  DA  B "C5'" 
164 C  "C4'" . DA  B 3 ? 0.3000 0.3212 0.3354 0.0075  -0.0315 0.0039  3  DA  B "C4'" 
165 O  "O4'" . DA  B 3 ? 0.3065 0.3390 0.3580 0.0177  -0.0313 -0.0034 3  DA  B "O4'" 
166 C  "C3'" . DA  B 3 ? 0.3056 0.3170 0.3454 0.0292  -0.0392 0.0072  3  DA  B "C3'" 
167 O  "O3'" . DA  B 3 ? 0.3251 0.3425 0.3783 0.0330  -0.0447 -0.0021 3  DA  B "O3'" 
168 C  "C2'" . DA  B 3 ? 0.2730 0.3101 0.3507 0.0120  -0.0409 0.0151  3  DA  B "C2'" 
169 C  "C1'" . DA  B 3 ? 0.3104 0.3154 0.3288 0.0230  -0.0161 0.0057  3  DA  B "C1'" 
170 N  N9    . DA  B 3 ? 0.3023 0.2945 0.3143 0.0116  -0.0282 -0.0093 3  DA  B N9    
171 C  C8    . DA  B 3 ? 0.3138 0.3036 0.3203 0.0099  -0.0348 -0.0111 3  DA  B C8    
172 N  N7    . DA  B 3 ? 0.3070 0.3273 0.3216 0.0069  -0.0186 -0.0029 3  DA  B N7    
173 C  C5    . DA  B 3 ? 0.3054 0.3184 0.3149 0.0154  -0.0280 0.0046  3  DA  B C5    
174 C  C6    . DA  B 3 ? 0.3040 0.3172 0.3075 0.0235  -0.0247 0.0028  3  DA  B C6    
175 N  N6    . DA  B 3 ? 0.3187 0.3120 0.3208 0.0246  -0.0147 0.0071  3  DA  B N6    
176 N  N1    . DA  B 3 ? 0.2909 0.3181 0.2949 0.0345  -0.0416 0.0190  3  DA  B N1    
177 C  C2    . DA  B 3 ? 0.3060 0.2994 0.3131 0.0156  -0.0365 -0.0018 3  DA  B C2    
178 N  N3    . DA  B 3 ? 0.3066 0.3257 0.3127 0.0162  -0.0334 0.0056  3  DA  B N3    
179 C  C4    . DA  B 3 ? 0.2928 0.2932 0.3069 0.0139  -0.0250 0.0043  3  DA  B C4    
180 P  P     . DT  B 4 ? 0.3144 0.3707 0.4017 0.0340  -0.0381 -0.0155 4  DT  B P     
181 O  OP1   . DT  B 4 ? 0.3849 0.3923 0.4222 0.0313  -0.0195 0.0091  4  DT  B OP1   
182 O  OP2   . DT  B 4 ? 0.3939 0.4106 0.4036 0.0022  -0.0183 -0.0015 4  DT  B OP2   
183 O  "O5'" . DT  B 4 ? 0.3470 0.3636 0.3882 0.0089  -0.0289 -0.0299 4  DT  B "O5'" 
184 C  "C5'" . DT  B 4 ? 0.3484 0.3488 0.4019 0.0279  -0.0235 0.0087  4  DT  B "C5'" 
185 C  "C4'" . DT  B 4 ? 0.3705 0.3743 0.3881 0.0227  -0.0226 -0.0067 4  DT  B "C4'" 
186 O  "O4'" . DT  B 4 ? 0.3584 0.3804 0.3617 0.0234  -0.0196 0.0047  4  DT  B "O4'" 
187 C  "C3'" . DT  B 4 ? 0.3796 0.3975 0.4010 0.0193  -0.0258 0.0036  4  DT  B "C3'" 
188 O  "O3'" . DT  B 4 ? 0.4538 0.4387 0.4502 0.0042  -0.0171 -0.0121 4  DT  B "O3'" 
189 C  "C2'" . DT  B 4 ? 0.3592 0.3762 0.3825 0.0203  -0.0193 -0.0076 4  DT  B "C2'" 
190 C  "C1'" . DT  B 4 ? 0.3514 0.3667 0.3556 0.0078  -0.0334 0.0068  4  DT  B "C1'" 
191 N  N1    . DT  B 4 ? 0.3185 0.3524 0.3437 -0.0017 -0.0332 -0.0059 4  DT  B N1    
192 C  C2    . DT  B 4 ? 0.3200 0.3356 0.3353 -0.0055 -0.0197 -0.0030 4  DT  B C2    
193 O  O2    . DT  B 4 ? 0.3323 0.3743 0.3575 -0.0125 -0.0377 -0.0013 4  DT  B O2    
194 N  N3    . DT  B 4 ? 0.3652 0.3274 0.3000 0.0021  -0.0420 0.0080  4  DT  B N3    
195 C  C4    . DT  B 4 ? 0.3298 0.3437 0.3189 0.0035  -0.0318 0.0255  4  DT  B C4    
196 O  O4    . DT  B 4 ? 0.3394 0.3676 0.3497 0.0083  -0.0440 -0.0125 4  DT  B O4    
197 C  C5    . DT  B 4 ? 0.3175 0.3428 0.3449 0.0002  -0.0234 0.0124  4  DT  B C5    
198 C  C7    . DT  B 4 ? 0.3290 0.3526 0.3340 -0.0039 -0.0384 0.0067  4  DT  B C7    
199 C  C6    . DT  B 4 ? 0.3064 0.3127 0.3271 -0.0122 -0.0332 0.0022  4  DT  B C6    
200 P  P     . DC  B 5 ? 0.4571 0.4739 0.4844 0.0124  -0.0093 -0.0464 5  DC  B P     
201 O  OP1   . DC  B 5 ? 0.4918 0.4795 0.5195 0.0088  -0.0175 -0.0206 5  DC  B OP1   
202 O  OP2   . DC  B 5 ? 0.4645 0.5041 0.4600 -0.0002 0.0068  -0.0162 5  DC  B OP2   
203 O  "O5'" . DC  B 5 ? 0.4521 0.4723 0.4795 0.0091  -0.0211 -0.0260 5  DC  B "O5'" 
204 C  "C5'" . DC  B 5 ? 0.4372 0.4363 0.4617 0.0179  -0.0101 -0.0103 5  DC  B "C5'" 
205 C  "C4'" . DC  B 5 ? 0.4233 0.4170 0.4385 0.0054  -0.0103 -0.0145 5  DC  B "C4'" 
206 O  "O4'" . DC  B 5 ? 0.4240 0.4182 0.4238 0.0084  0.0025  -0.0037 5  DC  B "O4'" 
207 C  "C3'" . DC  B 5 ? 0.4495 0.4375 0.4561 0.0052  -0.0076 -0.0074 5  DC  B "C3'" 
208 O  "O3'" . DC  B 5 ? 0.4354 0.4482 0.4805 -0.0037 -0.0124 -0.0088 5  DC  B "O3'" 
209 C  "C2'" . DC  B 5 ? 0.4391 0.4366 0.4245 0.0006  0.0105  -0.0088 5  DC  B "C2'" 
210 C  "C1'" . DC  B 5 ? 0.3998 0.3765 0.4006 0.0040  -0.0053 -0.0102 5  DC  B "C1'" 
211 N  N1    . DC  B 5 ? 0.3895 0.3673 0.3520 0.0045  -0.0129 0.0012  5  DC  B N1    
212 C  C2    . DC  B 5 ? 0.3696 0.3633 0.3527 0.0075  0.0017  0.0102  5  DC  B C2    
213 O  O2    . DC  B 5 ? 0.3721 0.3579 0.3706 0.0050  -0.0440 0.0030  5  DC  B O2    
214 N  N3    . DC  B 5 ? 0.3710 0.3586 0.3283 -0.0019 -0.0184 0.0232  5  DC  B N3    
215 C  C4    . DC  B 5 ? 0.3528 0.3613 0.3558 -0.0010 -0.0100 0.0048  5  DC  B C4    
216 N  N4    . DC  B 5 ? 0.3830 0.3668 0.3637 -0.0016 -0.0168 0.0021  5  DC  B N4    
217 C  C5    . DC  B 5 ? 0.3649 0.3609 0.3856 -0.0097 -0.0223 -0.0092 5  DC  B C5    
218 C  C6    . DC  B 5 ? 0.3895 0.3611 0.3832 0.0160  -0.0079 -0.0137 5  DC  B C6    
219 P  P     . DG  B 6 ? 0.4696 0.4238 0.4924 -0.0118 -0.0361 -0.0360 6  DG  B P     
220 O  OP1   . DG  B 6 ? 0.4619 0.4316 0.4985 -0.0204 -0.0213 -0.0285 6  DG  B OP1   
221 O  OP2   . DG  B 6 ? 0.4719 0.4631 0.4829 -0.0142 -0.0164 -0.0263 6  DG  B OP2   
222 O  "O5'" . DG  B 6 ? 0.4374 0.4355 0.4818 -0.0041 -0.0276 -0.0238 6  DG  B "O5'" 
223 C  "C5'" . DG  B 6 ? 0.4361 0.4081 0.4472 -0.0104 -0.0171 -0.0182 6  DG  B "C5'" 
224 C  "C4'" . DG  B 6 ? 0.4120 0.3555 0.4113 -0.0182 -0.0133 -0.0293 6  DG  B "C4'" 
225 O  "O4'" . DG  B 6 ? 0.4006 0.3442 0.3823 -0.0356 -0.0260 -0.0356 6  DG  B "O4'" 
226 C  "C3'" . DG  B 6 ? 0.4022 0.3599 0.3992 -0.0164 -0.0304 -0.0335 6  DG  B "C3'" 
227 O  "O3'" . DG  B 6 ? 0.3993 0.3770 0.4276 0.0019  -0.0558 -0.0509 6  DG  B "O3'" 
228 C  "C2'" . DG  B 6 ? 0.4014 0.3747 0.3798 -0.0081 -0.0083 -0.0314 6  DG  B "C2'" 
229 C  "C1'" . DG  B 6 ? 0.3509 0.3328 0.3622 -0.0010 -0.0204 -0.0166 6  DG  B "C1'" 
230 N  N9    . DG  B 6 ? 0.3458 0.3402 0.3592 -0.0008 -0.0219 -0.0062 6  DG  B N9    
231 C  C8    . DG  B 6 ? 0.3462 0.3479 0.3653 0.0007  -0.0237 -0.0040 6  DG  B C8    
232 N  N7    . DG  B 6 ? 0.3515 0.3434 0.3629 -0.0100 -0.0151 -0.0229 6  DG  B N7    
233 C  C5    . DG  B 6 ? 0.3537 0.3496 0.3559 -0.0009 -0.0196 -0.0006 6  DG  B C5    
234 C  C6    . DG  B 6 ? 0.3558 0.3305 0.3540 -0.0099 -0.0222 0.0115  6  DG  B C6    
235 O  O6    . DG  B 6 ? 0.3476 0.3324 0.3696 0.0033  -0.0386 0.0011  6  DG  B O6    
236 N  N1    . DG  B 6 ? 0.3371 0.3307 0.3216 -0.0100 -0.0279 0.0020  6  DG  B N1    
237 C  C2    . DG  B 6 ? 0.3413 0.3237 0.3315 -0.0086 -0.0189 -0.0133 6  DG  B C2    
238 N  N2    . DG  B 6 ? 0.3481 0.3121 0.3412 -0.0089 -0.0253 0.0013  6  DG  B N2    
239 N  N3    . DG  B 6 ? 0.3472 0.3288 0.3371 -0.0100 -0.0235 -0.0099 6  DG  B N3    
240 C  C4    . DG  B 6 ? 0.3482 0.3231 0.3497 -0.0060 -0.0300 -0.0155 6  DG  B C4    
241 C  C1    . EL  C . ? 0.3839 0.4102 0.3683 0.0123  -0.0104 0.0005  41 EL  A C1    
242 C  C2    . EL  C . ? 0.4213 0.4617 0.3578 0.0589  -0.0144 0.0032  41 EL  A C2    
243 C  C3    . EL  C . ? 0.4158 0.3977 0.3513 0.0270  -0.0138 -0.0010 41 EL  A C3    
244 C  C4    . EL  C . ? 0.4013 0.3874 0.3564 0.0132  -0.0166 -0.0025 41 EL  A C4    
245 C  C5    . EL  C . ? 0.3847 0.3799 0.3376 0.0142  -0.0161 -0.0017 41 EL  A C5    
246 C  C6    . EL  C . ? 0.4058 0.4379 0.3655 0.0190  -0.0192 -0.0006 41 EL  A C6    
247 N  N7    . EL  C . ? 0.4025 0.3667 0.3387 0.0110  -0.0169 -0.0078 41 EL  A N7    
248 C  C8    . EL  C . ? 0.3800 0.3522 0.3371 0.0044  -0.0134 -0.0004 41 EL  A C8    
249 C  C9    . EL  C . ? 0.3629 0.3585 0.3239 -0.0010 -0.0212 0.0033  41 EL  A C9    
250 C  C10   . EL  C . ? 0.3743 0.3409 0.3462 -0.0007 -0.0100 0.0007  41 EL  A C10   
251 C  C11   . EL  C . ? 0.3853 0.3510 0.3596 0.0057  -0.0141 -0.0043 41 EL  A C11   
252 C  C12   . EL  C . ? 0.3834 0.3438 0.3586 -0.0098 -0.0162 -0.0045 41 EL  A C12   
253 C  C13   . EL  C . ? 0.3621 0.3551 0.3533 -0.0142 -0.0157 0.0017  41 EL  A C13   
254 C  C14   . EL  C . ? 0.3717 0.3599 0.3425 -0.0032 -0.0080 0.0057  41 EL  A C14   
255 C  C15   . EL  C . ? 0.3606 0.3711 0.3548 0.0047  -0.0160 0.0050  41 EL  A C15   
256 C  C16   . EL  C . ? 0.3759 0.3473 0.3549 -0.0109 -0.0147 -0.0030 41 EL  A C16   
257 C  C17   . EL  C . ? 0.3731 0.3570 0.3674 -0.0071 -0.0140 -0.0045 41 EL  A C17   
258 N  N18   . EL  C . ? 0.3716 0.3626 0.3675 -0.0090 -0.0202 -0.0090 41 EL  A N18   
259 C  C19   . EL  C . ? 0.3615 0.3570 0.3732 -0.0148 -0.0137 0.0008  41 EL  A C19   
260 CO CO    . CO  D . ? 0.7221 0.5558 0.6732 0.0662  0.1022  0.1098  32 CO  A CO    
261 C  C1    . EL  E . ? 0.3908 0.5082 0.4014 -0.0463 -0.0419 0.0715  42 EL  B C1    
262 C  C2    . EL  E . ? 0.4110 0.4551 0.3786 -0.0596 -0.0565 0.0551  42 EL  B C2    
263 C  C3    . EL  E . ? 0.4433 0.4068 0.3666 -0.0494 -0.0472 0.0393  42 EL  B C3    
264 C  C4    . EL  E . ? 0.4030 0.3694 0.3609 -0.0175 -0.0349 0.0131  42 EL  B C4    
265 C  C5    . EL  E . ? 0.3701 0.3563 0.3458 -0.0016 -0.0167 0.0172  42 EL  B C5    
266 C  C6    . EL  E . ? 0.3839 0.4178 0.3795 -0.0103 -0.0307 0.0333  42 EL  B C6    
267 N  N7    . EL  E . ? 0.3979 0.3236 0.3390 -0.0008 -0.0252 0.0046  42 EL  B N7    
268 C  C8    . EL  E . ? 0.3692 0.3028 0.3253 0.0095  -0.0101 -0.0095 42 EL  B C8    
269 C  C9    . EL  E . ? 0.3506 0.3279 0.3292 0.0131  -0.0172 0.0052  42 EL  B C9    
270 C  C10   . EL  E . ? 0.3526 0.2805 0.3281 0.0224  -0.0012 -0.0266 42 EL  B C10   
271 C  C11   . EL  E . ? 0.3722 0.2984 0.3581 0.0146  -0.0100 -0.0194 42 EL  B C11   
272 C  C12   . EL  E . ? 0.3396 0.2616 0.3310 0.0474  -0.0049 -0.0283 42 EL  B C12   
273 C  C13   . EL  E . ? 0.3211 0.2928 0.3338 0.0509  0.0072  -0.0246 42 EL  B C13   
274 C  C14   . EL  E . ? 0.3340 0.3018 0.3234 0.0315  0.0062  -0.0129 42 EL  B C14   
275 C  C15   . EL  E . ? 0.3151 0.3405 0.3427 0.0251  -0.0054 -0.0049 42 EL  B C15   
276 C  C16   . EL  E . ? 0.3355 0.2745 0.3320 0.0502  -0.0006 -0.0351 42 EL  B C16   
277 C  C17   . EL  E . ? 0.3368 0.2818 0.3439 0.0417  -0.0003 -0.0329 42 EL  B C17   
278 N  N18   . EL  E . ? 0.3433 0.2968 0.3568 0.0442  0.0084  -0.0237 42 EL  B N18   
279 C  C19   . EL  E . ? 0.3254 0.2984 0.3504 0.0542  0.0129  -0.0276 42 EL  B C19   
280 CO CO    . CO  F . ? 0.6398 0.4915 0.5727 -0.0016 0.0246  -0.0208 31 CO  B CO    
281 CO CO    . CO  G . ? 0.5154 0.3803 0.5359 -0.0111 0.0127  -0.0392 33 CO  B CO    
282 O  O     . HOH H . ? 0.4802 0.3990 0.4576 0.0003  -0.0043 -0.0267 42 HOH A O     
283 O  O     . HOH H . ? 0.5158 0.4316 0.5073 -0.0025 0.0129  -0.0058 43 HOH A O     
284 O  O     . HOH H . ? 0.5227 0.5508 0.5352 -0.0102 0.0042  0.0087  44 HOH A O     
285 O  O     . HOH H . ? 0.3979 0.3461 0.4490 0.0228  -0.0239 -0.0098 45 HOH A O     
286 O  O     . HOH H . ? 0.5554 0.5373 0.5455 0.0140  -0.0097 -0.0231 46 HOH A O     
287 O  O     . HOH H . ? 0.4196 0.5129 0.5042 0.0202  -0.0132 0.0014  47 HOH A O     
288 O  O     . HOH H . ? 0.5333 0.5649 0.5710 0.0469  0.0151  0.0228  48 HOH A O     
289 O  O     . HOH H . ? 0.5187 0.5218 0.5329 -0.0239 -0.0168 0.0032  49 HOH A O     
290 O  O     . HOH H . ? 0.5813 0.5673 0.5400 -0.0095 -0.0141 -0.0193 50 HOH A O     
291 O  O     . HOH H . ? 0.6588 0.6517 0.6611 0.0098  0.0110  0.0042  51 HOH A O     
292 O  O     . HOH H . ? 0.6466 0.6120 0.6511 -0.0100 -0.0018 -0.0202 52 HOH A O     
293 O  O     . HOH H . ? 0.6433 0.6431 0.6134 -0.0008 -0.0116 0.0070  53 HOH A O     
294 O  O     . HOH H . ? 0.7034 0.6982 0.6898 -0.0167 0.0235  0.0066  54 HOH A O     
295 O  O     . HOH I . ? 0.4924 0.3949 0.4346 -0.0424 0.0020  -0.0099 43 HOH B O     
296 O  O     . HOH I . ? 0.4506 0.5252 0.5155 0.0163  -0.0062 0.0220  44 HOH B O     
297 O  O     . HOH I . ? 0.4735 0.4667 0.5202 0.0241  -0.0338 -0.0148 45 HOH B O     
298 O  O     . HOH I . ? 0.5281 0.4620 0.5075 0.0247  0.0165  -0.0163 46 HOH B O     
299 O  O     . HOH I . ? 0.5574 0.4815 0.5291 -0.0045 -0.0125 -0.0064 47 HOH B O     
300 O  O     . HOH I . ? 0.5615 0.5616 0.5923 0.0113  -0.0191 0.0056  48 HOH B O     
301 O  O     . HOH I . ? 0.4454 0.4709 0.4893 -0.0099 -0.0263 0.0076  49 HOH B O     
302 O  O     . HOH I . ? 0.6241 0.6230 0.6502 0.0230  -0.0018 -0.0135 50 HOH B O     
303 O  O     . HOH I . ? 0.6575 0.6331 0.6405 0.0078  -0.0008 -0.0036 51 HOH B O     
304 O  O     . HOH I . ? 0.4145 0.3130 0.4510 -0.0037 -0.0252 -0.0492 52 HOH B O     
305 O  O     . HOH I . ? 0.6558 0.6644 0.6695 0.0198  0.0017  0.0184  53 HOH B O     
306 O  O     . HOH I . ? 0.6224 0.6335 0.6055 0.0031  -0.0034 -0.0020 54 HOH B O     
307 O  O     . HOH I . ? 0.5093 0.5071 0.5119 0.0166  -0.0113 -0.0089 55 HOH B O     
308 O  O     . HOH I . ? 0.7169 0.7179 0.7338 -0.0034 0.0028  -0.0033 56 HOH B O     
# 
